data_5DP4
#
_entry.id   5DP4
#
_cell.length_a   63.894
_cell.length_b   75.456
_cell.length_c   128.885
_cell.angle_alpha   90.000
_cell.angle_beta   90.000
_cell.angle_gamma   90.000
#
_symmetry.space_group_name_H-M   'P 2 21 21'
#
loop_
_entity.id
_entity.type
_entity.pdbx_description
1 polymer '3C proteinase'
2 non-polymer 'ethyl (2Z,4S)-4-{[(2S)-2-methyl-3-phenylpropanoyl]amino}-5-[(3S)-2-oxopyrrolidin-3-yl]pent-2-enoate'
3 water water
#
_entity_poly.entity_id   1
_entity_poly.type   'polypeptide(L)'
_entity_poly.pdbx_seq_one_letter_code
;MGPSLDFALSLLRRNVRQVQTDQGHFTMLGVRDRLAVLPRHSQPGKTIWIEHKLVNILDAVELVDEQGVNLELTLITLDT
NEKFRDITKFIPENISTASDATLVINTEHMPSMFVPVGDVVQYGFLNLSGKPTHRTMMYNFPTKAGQCGGVVTSVGKVIG
IHIGGNGRQGFCAGLKRSYFASEQLEHHHHHH
;
_entity_poly.pdbx_strand_id   A,B,C,D
#
loop_
_chem_comp.id
_chem_comp.type
_chem_comp.name
_chem_comp.formula
5E8 non-polymer 'ethyl (2Z,4S)-4-{[(2S)-2-methyl-3-phenylpropanoyl]amino}-5-[(3S)-2-oxopyrrolidin-3-yl]pent-2-enoate' 'C21 H28 N2 O4'
#
# COMPACT_ATOMS: atom_id res chain seq x y z
N MET A 1 17.66 30.18 -65.52
CA MET A 1 17.49 30.99 -64.29
C MET A 1 17.23 32.45 -64.57
N GLY A 2 16.23 33.00 -63.92
CA GLY A 2 15.90 34.42 -64.12
C GLY A 2 16.87 35.41 -63.48
N PRO A 3 16.62 36.69 -63.74
CA PRO A 3 17.59 37.73 -63.43
C PRO A 3 17.70 38.10 -61.94
N SER A 4 16.58 38.04 -61.22
CA SER A 4 16.60 38.34 -59.80
C SER A 4 17.30 37.28 -58.97
N LEU A 5 16.97 36.02 -59.22
CA LEU A 5 17.68 34.95 -58.58
C LEU A 5 19.19 35.03 -58.94
N ASP A 6 19.51 35.18 -60.21
CA ASP A 6 20.91 35.22 -60.64
C ASP A 6 21.68 36.38 -59.96
N PHE A 7 21.05 37.54 -59.80
CA PHE A 7 21.69 38.66 -59.11
C PHE A 7 21.96 38.32 -57.61
N ALA A 8 20.96 37.76 -56.95
CA ALA A 8 21.10 37.51 -55.50
C ALA A 8 22.15 36.45 -55.28
N LEU A 9 22.14 35.41 -56.13
CA LEU A 9 23.17 34.36 -56.02
C LEU A 9 24.59 34.90 -56.33
N SER A 10 24.69 35.74 -57.31
CA SER A 10 25.97 36.31 -57.63
C SER A 10 26.45 37.26 -56.50
N LEU A 11 25.54 38.02 -55.87
CA LEU A 11 25.92 38.76 -54.66
C LEU A 11 26.52 37.82 -53.58
N LEU A 12 25.86 36.68 -53.36
CA LEU A 12 26.30 35.69 -52.42
C LEU A 12 27.65 35.15 -52.75
N ARG A 13 27.89 34.87 -54.01
CA ARG A 13 29.21 34.36 -54.41
C ARG A 13 30.31 35.39 -54.22
N ARG A 14 30.08 36.66 -54.55
CA ARG A 14 31.19 37.60 -54.65
C ARG A 14 31.25 38.70 -53.60
N ASN A 15 30.15 39.01 -52.92
CA ASN A 15 30.12 40.14 -51.98
C ASN A 15 29.58 39.90 -50.55
N VAL A 16 28.82 38.84 -50.31
CA VAL A 16 28.13 38.68 -49.05
C VAL A 16 28.80 37.54 -48.36
N ARG A 17 29.53 37.82 -47.28
CA ARG A 17 30.32 36.82 -46.61
C ARG A 17 29.80 36.40 -45.24
N GLN A 18 30.09 35.15 -44.91
CA GLN A 18 29.82 34.60 -43.58
C GLN A 18 30.99 34.99 -42.68
N VAL A 19 30.68 35.72 -41.60
CA VAL A 19 31.68 36.15 -40.64
C VAL A 19 31.29 35.92 -39.17
N GLN A 20 32.30 36.02 -38.31
CA GLN A 20 32.16 35.90 -36.87
C GLN A 20 32.99 36.94 -36.17
N THR A 21 32.41 37.61 -35.20
CA THR A 21 33.14 38.43 -34.28
C THR A 21 32.88 37.86 -32.88
N ASP A 22 33.48 38.45 -31.84
CA ASP A 22 33.16 38.08 -30.46
C ASP A 22 31.72 38.21 -30.12
N GLN A 23 30.95 38.99 -30.89
CA GLN A 23 29.49 39.13 -30.65
C GLN A 23 28.68 38.03 -31.28
N GLY A 24 29.28 37.19 -32.13
CA GLY A 24 28.52 36.12 -32.76
C GLY A 24 28.61 36.16 -34.27
N HIS A 25 27.58 35.60 -34.90
CA HIS A 25 27.60 35.36 -36.34
C HIS A 25 26.89 36.47 -37.10
N PHE A 26 27.53 36.92 -38.18
CA PHE A 26 26.93 38.02 -38.97
C PHE A 26 27.11 37.78 -40.46
N THR A 27 26.30 38.49 -41.24
CA THR A 27 26.47 38.62 -42.68
C THR A 27 27.23 39.92 -42.91
N MET A 28 28.27 39.83 -43.72
CA MET A 28 29.08 40.99 -44.10
C MET A 28 28.98 41.27 -45.60
N LEU A 29 28.81 42.53 -45.97
CA LEU A 29 28.78 42.93 -47.33
C LEU A 29 30.11 43.63 -47.72
N GLY A 30 30.85 43.00 -48.64
CA GLY A 30 32.00 43.62 -49.22
C GLY A 30 31.51 44.53 -50.35
N VAL A 31 31.97 45.77 -50.34
CA VAL A 31 31.42 46.76 -51.24
C VAL A 31 32.33 47.10 -52.45
N ARG A 32 33.60 47.29 -52.18
CA ARG A 32 34.59 47.46 -53.24
C ARG A 32 35.97 47.42 -52.63
N ASP A 33 36.98 47.21 -53.47
CA ASP A 33 38.34 47.16 -53.00
C ASP A 33 38.42 46.31 -51.72
N ARG A 34 38.83 46.89 -50.62
CA ARG A 34 38.94 46.09 -49.39
C ARG A 34 38.00 46.64 -48.35
N LEU A 35 36.97 47.35 -48.77
CA LEU A 35 36.05 47.99 -47.93
C LEU A 35 34.82 47.15 -47.81
N ALA A 36 34.43 46.86 -46.59
CA ALA A 36 33.19 46.12 -46.30
C ALA A 36 32.37 46.84 -45.26
N VAL A 37 31.12 46.40 -45.07
CA VAL A 37 30.25 47.01 -44.08
C VAL A 37 29.57 45.93 -43.22
N LEU A 38 29.50 46.24 -41.92
CA LEU A 38 28.85 45.41 -40.88
C LEU A 38 27.95 46.24 -39.98
N PRO A 39 27.00 45.60 -39.33
CA PRO A 39 26.23 46.31 -38.35
C PRO A 39 27.13 46.72 -37.20
N ARG A 40 26.96 47.92 -36.70
CA ARG A 40 27.81 48.38 -35.62
C ARG A 40 27.86 47.47 -34.40
N HIS A 41 26.72 46.88 -34.01
CA HIS A 41 26.69 46.04 -32.80
C HIS A 41 27.48 44.75 -32.96
N SER A 42 27.96 44.41 -34.19
CA SER A 42 28.83 43.22 -34.30
C SER A 42 30.21 43.48 -33.67
N GLN A 43 30.58 44.75 -33.52
CA GLN A 43 31.83 45.19 -32.83
C GLN A 43 33.08 44.52 -33.33
N PRO A 44 33.37 44.64 -34.61
CA PRO A 44 34.55 43.90 -35.07
C PRO A 44 35.76 44.41 -34.32
N GLY A 45 36.67 43.54 -33.95
CA GLY A 45 37.91 43.97 -33.23
C GLY A 45 39.03 44.16 -34.21
N LYS A 46 40.20 43.62 -33.90
CA LYS A 46 41.38 43.82 -34.76
C LYS A 46 41.50 42.77 -35.82
N THR A 47 40.74 41.71 -35.64
CA THR A 47 40.66 40.63 -36.56
C THR A 47 39.22 40.20 -36.62
N ILE A 48 38.82 39.60 -37.74
CA ILE A 48 37.51 39.01 -37.88
C ILE A 48 37.63 37.73 -38.64
N TRP A 49 36.81 36.75 -38.28
CA TRP A 49 36.77 35.50 -39.00
C TRP A 49 35.92 35.65 -40.25
N ILE A 50 36.48 35.42 -41.41
CA ILE A 50 35.71 35.48 -42.64
C ILE A 50 35.74 34.10 -43.29
N GLU A 51 34.58 33.42 -43.23
CA GLU A 51 34.35 32.06 -43.77
C GLU A 51 35.31 30.93 -43.36
N HIS A 52 36.54 30.96 -43.80
CA HIS A 52 37.50 29.89 -43.54
C HIS A 52 38.83 30.43 -42.95
N LYS A 53 38.87 31.70 -42.57
CA LYS A 53 40.13 32.26 -42.06
C LYS A 53 40.04 33.62 -41.35
N LEU A 54 41.03 33.86 -40.51
CA LEU A 54 41.08 35.05 -39.71
C LEU A 54 41.70 36.16 -40.53
N VAL A 55 41.04 37.28 -40.64
CA VAL A 55 41.51 38.35 -41.52
C VAL A 55 41.71 39.59 -40.67
N ASN A 56 42.81 40.29 -40.82
CA ASN A 56 43.02 41.48 -40.00
C ASN A 56 42.25 42.67 -40.49
N ILE A 57 41.81 43.48 -39.56
CA ILE A 57 41.09 44.70 -39.83
C ILE A 57 42.04 45.88 -39.74
N LEU A 58 42.22 46.63 -40.84
CA LEU A 58 43.19 47.74 -40.83
C LEU A 58 42.59 49.01 -40.26
N ASP A 59 41.28 49.06 -40.21
CA ASP A 59 40.57 50.29 -39.88
C ASP A 59 39.05 50.05 -39.79
N ALA A 60 38.40 50.68 -38.84
CA ALA A 60 36.96 50.57 -38.66
C ALA A 60 36.41 51.96 -38.40
N VAL A 61 35.34 52.32 -39.10
CA VAL A 61 34.69 53.59 -38.98
C VAL A 61 33.20 53.37 -38.69
N GLU A 62 32.75 53.83 -37.53
CA GLU A 62 31.33 53.79 -37.12
C GLU A 62 30.64 55.02 -37.61
N LEU A 63 29.62 54.87 -38.42
CA LEU A 63 29.01 56.01 -39.07
C LEU A 63 27.98 56.69 -38.18
N VAL A 64 28.06 58.01 -38.08
CA VAL A 64 27.03 58.81 -37.39
C VAL A 64 26.58 59.88 -38.36
N ASP A 65 25.40 60.43 -38.10
CA ASP A 65 24.97 61.57 -38.87
C ASP A 65 25.48 62.89 -38.28
N GLU A 66 25.00 64.00 -38.86
CA GLU A 66 25.47 65.34 -38.56
C GLU A 66 25.03 65.80 -37.18
N GLN A 67 24.05 65.13 -36.58
CA GLN A 67 23.68 65.44 -35.20
C GLN A 67 24.44 64.54 -34.24
N GLY A 68 25.34 63.69 -34.73
CA GLY A 68 26.05 62.74 -33.91
C GLY A 68 25.22 61.52 -33.56
N VAL A 69 24.16 61.21 -34.32
CA VAL A 69 23.35 60.02 -34.02
C VAL A 69 23.85 58.81 -34.78
N ASN A 70 23.91 57.70 -34.04
CA ASN A 70 24.24 56.37 -34.56
C ASN A 70 23.52 56.01 -35.86
N LEU A 71 24.26 55.49 -36.85
CA LEU A 71 23.63 54.95 -38.04
C LEU A 71 23.67 53.40 -38.09
N GLU A 72 24.33 52.78 -37.12
CA GLU A 72 24.39 51.33 -36.95
C GLU A 72 25.16 50.61 -38.00
N LEU A 73 26.14 51.31 -38.59
CA LEU A 73 26.98 50.77 -39.65
C LEU A 73 28.43 51.05 -39.35
N THR A 74 29.26 50.01 -39.42
CA THR A 74 30.68 50.15 -39.28
C THR A 74 31.36 49.75 -40.58
N LEU A 75 32.14 50.66 -41.12
CA LEU A 75 32.88 50.38 -42.34
C LEU A 75 34.26 49.80 -41.97
N ILE A 76 34.61 48.63 -42.45
CA ILE A 76 35.93 48.13 -42.17
C ILE A 76 36.77 47.98 -43.42
N THR A 77 38.06 48.27 -43.29
CA THR A 77 39.02 48.06 -44.33
C THR A 77 39.82 46.83 -43.94
N LEU A 78 39.87 45.85 -44.82
CA LEU A 78 40.44 44.54 -44.52
C LEU A 78 41.79 44.33 -45.16
N ASP A 79 42.61 43.49 -44.50
CA ASP A 79 43.92 43.10 -45.02
C ASP A 79 43.75 41.82 -45.79
N THR A 80 43.22 41.96 -46.99
CA THR A 80 42.97 40.79 -47.84
C THR A 80 43.69 40.91 -49.12
N ASN A 81 43.89 39.76 -49.72
CA ASN A 81 44.54 39.69 -50.99
C ASN A 81 43.56 40.22 -52.03
N GLU A 82 42.34 39.74 -51.99
CA GLU A 82 41.26 40.09 -52.97
C GLU A 82 40.74 41.56 -52.88
N LYS A 83 40.43 42.16 -54.01
CA LYS A 83 39.52 43.29 -54.05
C LYS A 83 38.11 42.73 -54.18
N PHE A 84 37.13 43.26 -53.45
CA PHE A 84 35.75 42.91 -53.68
C PHE A 84 35.34 43.42 -55.05
N ARG A 85 34.49 42.65 -55.74
CA ARG A 85 33.71 43.18 -56.84
C ARG A 85 32.98 44.49 -56.45
N ASP A 86 33.19 45.57 -57.19
CA ASP A 86 32.68 46.89 -56.83
C ASP A 86 31.20 46.94 -57.12
N ILE A 87 30.39 47.00 -56.07
CA ILE A 87 28.94 47.02 -56.24
C ILE A 87 28.35 48.39 -55.84
N THR A 88 29.20 49.42 -55.73
CA THR A 88 28.71 50.73 -55.33
C THR A 88 27.62 51.25 -56.28
N LYS A 89 27.71 50.88 -57.55
CA LYS A 89 26.75 51.40 -58.53
C LYS A 89 25.33 50.83 -58.28
N PHE A 90 25.22 49.72 -57.54
CA PHE A 90 23.92 49.14 -57.21
C PHE A 90 23.33 49.74 -55.95
N ILE A 91 24.13 50.51 -55.25
CA ILE A 91 23.69 51.16 -54.05
C ILE A 91 23.18 52.53 -54.47
N PRO A 92 21.94 52.84 -54.12
CA PRO A 92 21.39 54.14 -54.55
C PRO A 92 22.04 55.32 -53.85
N GLU A 93 21.98 56.47 -54.52
CA GLU A 93 22.60 57.68 -54.02
C GLU A 93 21.94 58.20 -52.75
N ASN A 94 20.66 57.90 -52.57
CA ASN A 94 19.99 58.29 -51.37
C ASN A 94 19.25 57.12 -50.89
N ILE A 95 18.90 57.18 -49.62
CA ILE A 95 18.21 56.10 -49.00
C ILE A 95 16.85 55.86 -49.68
N SER A 96 16.73 54.67 -50.30
CA SER A 96 15.64 54.38 -51.17
C SER A 96 14.76 53.24 -50.67
N THR A 97 13.44 53.47 -50.77
CA THR A 97 12.43 52.45 -50.53
C THR A 97 12.43 51.46 -51.66
N ALA A 98 11.65 50.42 -51.52
CA ALA A 98 11.55 49.41 -52.59
C ALA A 98 10.32 48.58 -52.40
N SER A 99 9.92 47.93 -53.47
CA SER A 99 8.80 47.05 -53.40
C SER A 99 9.30 45.64 -53.46
N ASP A 100 8.71 44.76 -52.67
CA ASP A 100 9.05 43.38 -52.80
C ASP A 100 10.55 43.07 -52.75
N ALA A 101 11.20 43.59 -51.72
CA ALA A 101 12.58 43.27 -51.42
C ALA A 101 12.78 41.88 -50.90
N THR A 102 14.01 41.39 -51.07
CA THR A 102 14.43 40.17 -50.46
C THR A 102 15.54 40.50 -49.49
N LEU A 103 15.52 39.86 -48.35
CA LEU A 103 16.64 39.87 -47.44
C LEU A 103 17.54 38.65 -47.65
N VAL A 104 18.83 38.94 -47.92
CA VAL A 104 19.83 37.90 -48.21
C VAL A 104 20.81 37.77 -47.09
N ILE A 105 20.79 36.61 -46.46
CA ILE A 105 21.57 36.33 -45.30
C ILE A 105 22.59 35.26 -45.63
N ASN A 106 23.79 35.38 -45.03
CA ASN A 106 24.84 34.40 -45.25
C ASN A 106 25.77 34.31 -44.09
N THR A 107 25.48 33.31 -43.27
CA THR A 107 26.12 33.08 -41.98
C THR A 107 26.39 31.59 -41.99
N GLU A 108 27.36 31.16 -41.17
CA GLU A 108 27.58 29.73 -40.98
C GLU A 108 26.30 29.01 -40.55
N HIS A 109 25.54 29.60 -39.66
CA HIS A 109 24.28 29.00 -39.23
C HIS A 109 23.14 29.17 -40.23
N MET A 110 23.15 30.25 -41.01
CA MET A 110 22.10 30.53 -41.98
C MET A 110 22.74 30.83 -43.35
N PRO A 111 23.21 29.81 -44.01
CA PRO A 111 23.91 30.04 -45.26
C PRO A 111 22.97 30.18 -46.45
N SER A 112 23.35 31.09 -47.33
CA SER A 112 22.54 31.48 -48.51
C SER A 112 21.04 31.47 -48.30
N MET A 113 20.63 32.28 -47.36
CA MET A 113 19.27 32.26 -46.88
C MET A 113 18.48 33.41 -47.42
N PHE A 114 17.30 33.10 -47.96
CA PHE A 114 16.46 34.10 -48.66
C PHE A 114 15.17 34.36 -47.89
N VAL A 115 14.95 35.61 -47.56
CA VAL A 115 13.76 35.98 -46.72
C VAL A 115 12.92 37.06 -47.40
N PRO A 116 11.62 36.76 -47.63
CA PRO A 116 10.78 37.60 -48.46
C PRO A 116 10.18 38.74 -47.68
N VAL A 117 10.99 39.77 -47.42
CA VAL A 117 10.58 40.75 -46.42
C VAL A 117 9.50 41.66 -47.00
N GLY A 118 9.39 41.72 -48.33
CA GLY A 118 8.34 42.52 -48.97
C GLY A 118 8.77 43.97 -49.12
N ASP A 119 7.79 44.86 -49.04
CA ASP A 119 8.01 46.25 -49.24
C ASP A 119 8.83 46.84 -48.12
N VAL A 120 9.69 47.74 -48.50
CA VAL A 120 10.62 48.36 -47.59
C VAL A 120 10.29 49.85 -47.59
N VAL A 121 9.95 50.38 -46.42
CA VAL A 121 9.52 51.78 -46.30
C VAL A 121 10.43 52.60 -45.43
N GLN A 122 10.33 53.92 -45.55
CA GLN A 122 11.09 54.85 -44.72
C GLN A 122 10.62 54.73 -43.30
N TYR A 123 11.53 54.81 -42.35
CA TYR A 123 11.11 54.68 -40.97
C TYR A 123 11.75 55.79 -40.16
N GLY A 124 13.08 55.90 -40.23
CA GLY A 124 13.81 57.03 -39.65
C GLY A 124 14.39 56.57 -38.31
N PHE A 125 13.85 57.13 -37.24
CA PHE A 125 14.38 56.91 -35.92
C PHE A 125 14.01 55.59 -35.42
N LEU A 126 14.96 54.93 -34.79
CA LEU A 126 14.70 53.68 -34.13
C LEU A 126 15.53 53.56 -32.87
N ASN A 127 14.89 53.19 -31.77
CA ASN A 127 15.61 52.94 -30.54
C ASN A 127 15.97 51.48 -30.54
N LEU A 128 17.24 51.23 -30.81
CA LEU A 128 17.72 49.87 -30.98
C LEU A 128 18.47 49.34 -29.74
N SER A 129 17.78 48.64 -28.84
CA SER A 129 18.35 48.18 -27.55
C SER A 129 19.00 49.32 -26.82
N GLY A 130 18.22 50.36 -26.63
CA GLY A 130 18.67 51.53 -25.92
C GLY A 130 19.49 52.49 -26.75
N LYS A 131 19.84 52.14 -27.98
CA LYS A 131 20.71 52.98 -28.81
C LYS A 131 19.92 53.72 -29.89
N PRO A 132 19.90 55.06 -29.84
CA PRO A 132 19.15 55.81 -30.81
C PRO A 132 19.83 55.67 -32.12
N THR A 133 19.05 55.50 -33.16
CA THR A 133 19.61 55.18 -34.48
C THR A 133 18.78 55.91 -35.50
N HIS A 134 19.41 56.47 -36.53
CA HIS A 134 18.68 57.18 -37.59
C HIS A 134 18.82 56.48 -38.94
N ARG A 135 18.03 56.95 -39.89
CA ARG A 135 18.11 56.55 -41.29
C ARG A 135 17.80 55.08 -41.53
N THR A 136 16.85 54.58 -40.75
CA THR A 136 16.44 53.20 -40.85
C THR A 136 15.27 53.08 -41.76
N MET A 137 15.06 51.85 -42.23
CA MET A 137 13.87 51.49 -42.99
C MET A 137 13.21 50.26 -42.34
N MET A 138 12.00 49.94 -42.77
CA MET A 138 11.20 48.97 -42.11
C MET A 138 10.53 48.06 -43.12
N TYR A 139 10.42 46.80 -42.74
CA TYR A 139 9.68 45.82 -43.51
C TYR A 139 8.77 45.06 -42.54
N ASN A 140 7.56 44.76 -42.99
CA ASN A 140 6.62 44.01 -42.17
C ASN A 140 6.89 42.53 -42.31
N PHE A 141 7.96 42.10 -41.66
CA PHE A 141 8.34 40.71 -41.67
C PHE A 141 9.00 40.37 -40.34
N PRO A 142 8.68 39.21 -39.77
CA PRO A 142 9.21 38.89 -38.43
C PRO A 142 10.62 38.28 -38.50
N THR A 143 11.59 39.14 -38.79
CA THR A 143 12.97 38.76 -38.83
C THR A 143 13.36 38.32 -37.40
N LYS A 144 14.48 37.60 -37.27
CA LYS A 144 14.89 37.03 -35.99
C LYS A 144 16.41 37.15 -35.78
N ALA A 145 16.85 36.73 -34.59
CA ALA A 145 18.24 36.78 -34.22
C ALA A 145 19.06 35.96 -35.23
N GLY A 146 20.29 36.41 -35.46
CA GLY A 146 21.20 35.74 -36.39
C GLY A 146 21.13 36.33 -37.79
N GLN A 147 20.20 37.22 -38.02
CA GLN A 147 20.03 37.75 -39.36
C GLN A 147 20.64 39.13 -39.53
N CYS A 148 21.28 39.66 -38.50
CA CYS A 148 21.86 41.00 -38.63
C CYS A 148 23.05 40.99 -39.59
N GLY A 149 23.10 42.06 -40.39
CA GLY A 149 24.05 42.20 -41.50
C GLY A 149 23.51 41.73 -42.83
N GLY A 150 22.35 41.08 -42.78
CA GLY A 150 21.68 40.64 -43.99
C GLY A 150 21.43 41.77 -44.95
N VAL A 151 21.51 41.46 -46.24
CA VAL A 151 21.49 42.49 -47.25
C VAL A 151 20.10 42.59 -47.88
N VAL A 152 19.51 43.77 -47.75
CA VAL A 152 18.21 44.06 -48.30
C VAL A 152 18.35 44.45 -49.77
N THR A 153 17.75 43.67 -50.67
CA THR A 153 17.95 43.82 -52.12
C THR A 153 16.65 43.74 -52.93
N SER A 154 16.62 44.44 -54.06
CA SER A 154 15.42 44.50 -54.90
C SER A 154 15.71 45.03 -56.25
N VAL A 155 15.43 44.21 -57.27
CA VAL A 155 15.67 44.57 -58.69
C VAL A 155 17.10 45.09 -59.01
N GLY A 156 18.17 44.45 -58.56
CA GLY A 156 19.51 44.97 -58.85
C GLY A 156 19.94 46.17 -58.02
N LYS A 157 19.26 46.42 -56.93
CA LYS A 157 19.63 47.46 -56.04
C LYS A 157 19.96 46.90 -54.64
N VAL A 158 20.96 47.48 -53.99
CA VAL A 158 21.41 47.07 -52.66
C VAL A 158 21.12 48.26 -51.71
N ILE A 159 20.08 48.15 -50.90
CA ILE A 159 19.51 49.28 -50.19
C ILE A 159 19.62 49.31 -48.66
N GLY A 160 19.93 48.17 -48.06
CA GLY A 160 19.95 48.11 -46.63
C GLY A 160 20.75 46.98 -46.04
N ILE A 161 21.08 47.15 -44.77
CA ILE A 161 21.75 46.15 -43.95
C ILE A 161 20.90 45.88 -42.73
N HIS A 162 20.45 44.63 -42.53
CA HIS A 162 19.57 44.30 -41.43
C HIS A 162 20.22 44.52 -40.09
N ILE A 163 19.50 45.23 -39.20
CA ILE A 163 19.98 45.54 -37.86
C ILE A 163 19.07 45.17 -36.66
N GLY A 164 17.80 44.90 -36.86
CA GLY A 164 16.93 44.57 -35.73
C GLY A 164 15.48 44.30 -36.12
N GLY A 165 14.68 44.00 -35.12
CA GLY A 165 13.28 43.63 -35.33
C GLY A 165 12.56 43.50 -34.02
N ASN A 166 11.25 43.66 -34.02
CA ASN A 166 10.49 43.68 -32.78
C ASN A 166 9.57 42.46 -32.71
N GLY A 167 9.79 41.51 -33.61
CA GLY A 167 9.04 40.24 -33.60
C GLY A 167 7.95 40.21 -34.61
N ARG A 168 7.54 41.37 -35.11
CA ARG A 168 6.59 41.43 -36.22
C ARG A 168 7.11 42.23 -37.43
N GLN A 169 8.09 43.07 -37.16
CA GLN A 169 8.68 43.91 -38.16
C GLN A 169 10.19 43.75 -38.08
N GLY A 170 10.84 44.06 -39.18
CA GLY A 170 12.28 44.07 -39.31
C GLY A 170 12.73 45.47 -39.73
N PHE A 171 13.95 45.81 -39.35
CA PHE A 171 14.52 47.13 -39.60
C PHE A 171 15.92 47.00 -40.16
N CYS A 172 16.25 47.84 -41.15
CA CYS A 172 17.60 47.90 -41.67
C CYS A 172 18.20 49.29 -41.57
N ALA A 173 19.53 49.37 -41.51
CA ALA A 173 20.21 50.64 -41.79
C ALA A 173 20.22 50.87 -43.29
N GLY A 174 19.77 52.07 -43.69
CA GLY A 174 19.73 52.41 -45.08
C GLY A 174 21.13 52.59 -45.63
N LEU A 175 21.31 52.24 -46.89
CA LEU A 175 22.56 52.42 -47.54
C LEU A 175 22.45 53.55 -48.52
N LYS A 176 23.52 54.35 -48.59
CA LYS A 176 23.67 55.23 -49.69
C LYS A 176 25.10 55.19 -50.20
N ARG A 177 25.23 55.52 -51.47
CA ARG A 177 26.47 55.35 -52.17
C ARG A 177 27.59 56.19 -51.60
N SER A 178 27.30 57.40 -51.17
CA SER A 178 28.36 58.29 -50.62
C SER A 178 29.06 57.71 -49.38
N TYR A 179 28.42 56.79 -48.66
CA TYR A 179 29.09 56.10 -47.55
C TYR A 179 30.36 55.35 -48.02
N PHE A 180 30.37 54.90 -49.25
CA PHE A 180 31.48 54.08 -49.75
C PHE A 180 32.35 54.81 -50.78
N ALA A 181 32.14 56.12 -50.91
CA ALA A 181 33.10 56.95 -51.60
C ALA A 181 34.37 57.07 -50.75
N MET B 1 0.35 2.28 -36.15
CA MET B 1 0.25 2.91 -34.83
C MET B 1 0.04 4.40 -34.91
N GLY B 2 -0.89 4.89 -34.12
CA GLY B 2 -1.14 6.30 -34.08
C GLY B 2 -0.10 7.13 -33.34
N PRO B 3 -0.30 8.46 -33.39
CA PRO B 3 0.73 9.41 -33.02
C PRO B 3 0.93 9.53 -31.53
N SER B 4 -0.14 9.38 -30.75
CA SER B 4 0.01 9.45 -29.29
C SER B 4 0.73 8.28 -28.68
N LEU B 5 0.35 7.08 -29.09
CA LEU B 5 1.04 5.91 -28.64
C LEU B 5 2.51 5.93 -29.09
N ASP B 6 2.75 6.25 -30.35
CA ASP B 6 4.10 6.30 -30.83
C ASP B 6 4.97 7.30 -30.09
N PHE B 7 4.45 8.48 -29.85
CA PHE B 7 5.18 9.49 -29.14
C PHE B 7 5.44 9.11 -27.67
N ALA B 8 4.42 8.56 -27.00
CA ALA B 8 4.62 8.22 -25.57
C ALA B 8 5.67 7.10 -25.41
N LEU B 9 5.59 6.09 -26.30
CA LEU B 9 6.57 5.02 -26.30
C LEU B 9 7.98 5.60 -26.58
N SER B 10 8.06 6.50 -27.52
CA SER B 10 9.36 7.01 -27.85
C SER B 10 9.90 7.88 -26.69
N LEU B 11 9.04 8.58 -25.98
CA LEU B 11 9.45 9.26 -24.77
C LEU B 11 10.03 8.31 -23.72
N LEU B 12 9.37 7.17 -23.54
CA LEU B 12 9.88 6.15 -22.66
C LEU B 12 11.21 5.64 -23.09
N ARG B 13 11.37 5.35 -24.39
CA ARG B 13 12.62 4.80 -24.91
C ARG B 13 13.79 5.74 -24.76
N ARG B 14 13.57 7.03 -24.98
CA ARG B 14 14.66 7.94 -25.08
C ARG B 14 14.80 8.99 -23.97
N ASN B 15 13.74 9.29 -23.23
CA ASN B 15 13.79 10.44 -22.29
C ASN B 15 13.32 10.24 -20.84
N VAL B 16 12.49 9.26 -20.58
CA VAL B 16 11.84 9.11 -19.30
C VAL B 16 12.48 7.91 -18.61
N ARG B 17 13.25 8.15 -17.55
CA ARG B 17 14.00 7.13 -16.89
C ARG B 17 13.47 6.78 -15.45
N GLN B 18 13.71 5.51 -15.08
CA GLN B 18 13.48 5.01 -13.73
C GLN B 18 14.68 5.37 -12.88
N VAL B 19 14.45 6.13 -11.81
CA VAL B 19 15.50 6.53 -10.89
C VAL B 19 15.15 6.34 -9.40
N GLN B 20 16.17 6.45 -8.55
CA GLN B 20 16.04 6.35 -7.12
C GLN B 20 16.94 7.32 -6.42
N THR B 21 16.41 8.04 -5.45
CA THR B 21 17.22 8.85 -4.58
C THR B 21 17.00 8.30 -3.18
N ASP B 22 17.65 8.90 -2.17
CA ASP B 22 17.34 8.56 -0.76
C ASP B 22 15.90 8.83 -0.40
N GLN B 23 15.18 9.66 -1.17
CA GLN B 23 13.77 9.90 -0.90
C GLN B 23 12.82 8.82 -1.45
N GLY B 24 13.30 7.94 -2.33
CA GLY B 24 12.46 6.93 -2.91
C GLY B 24 12.54 6.87 -4.45
N HIS B 25 11.48 6.32 -5.05
CA HIS B 25 11.44 6.05 -6.48
C HIS B 25 10.79 7.18 -7.26
N PHE B 26 11.43 7.59 -8.36
CA PHE B 26 10.89 8.69 -9.17
C PHE B 26 11.04 8.43 -10.64
N THR B 27 10.24 9.16 -11.43
CA THR B 27 10.35 9.22 -12.87
C THR B 27 11.14 10.46 -13.19
N MET B 28 12.19 10.30 -13.99
CA MET B 28 13.05 11.43 -14.39
C MET B 28 12.90 11.69 -15.89
N LEU B 29 12.78 12.97 -16.27
CA LEU B 29 12.75 13.37 -17.67
C LEU B 29 14.09 13.96 -18.09
N GLY B 30 14.76 13.28 -19.02
CA GLY B 30 15.93 13.81 -19.65
C GLY B 30 15.45 14.75 -20.77
N VAL B 31 16.00 15.93 -20.84
CA VAL B 31 15.49 16.94 -21.75
C VAL B 31 16.38 17.21 -22.97
N ARG B 32 17.67 17.32 -22.74
CA ARG B 32 18.60 17.38 -23.84
C ARG B 32 19.99 17.15 -23.27
N ASP B 33 20.94 16.81 -24.14
CA ASP B 33 22.33 16.72 -23.71
C ASP B 33 22.39 15.96 -22.39
N ARG B 34 22.87 16.57 -21.32
CA ARG B 34 23.00 15.85 -20.05
C ARG B 34 22.12 16.47 -19.02
N LEU B 35 21.11 17.21 -19.45
CA LEU B 35 20.26 17.96 -18.59
C LEU B 35 18.99 17.17 -18.44
N ALA B 36 18.65 16.89 -17.19
CA ALA B 36 17.38 16.27 -16.84
C ALA B 36 16.63 17.07 -15.78
N VAL B 37 15.36 16.71 -15.57
CA VAL B 37 14.56 17.38 -14.59
C VAL B 37 13.83 16.39 -13.68
N LEU B 38 13.83 16.71 -12.38
CA LEU B 38 13.16 15.95 -11.30
C LEU B 38 12.33 16.85 -10.39
N PRO B 39 11.32 16.30 -9.74
CA PRO B 39 10.67 17.05 -8.72
C PRO B 39 11.63 17.43 -7.62
N ARG B 40 11.53 18.65 -7.13
CA ARG B 40 12.44 19.13 -6.10
C ARG B 40 12.47 18.21 -4.85
N HIS B 41 11.32 17.69 -4.41
CA HIS B 41 11.31 16.91 -3.18
C HIS B 41 12.04 15.56 -3.32
N SER B 42 12.45 15.15 -4.51
CA SER B 42 13.23 13.91 -4.61
C SER B 42 14.64 14.12 -4.07
N GLN B 43 15.07 15.37 -3.97
CA GLN B 43 16.34 15.75 -3.32
C GLN B 43 17.52 14.98 -3.84
N PRO B 44 17.74 15.00 -5.14
CA PRO B 44 18.89 14.27 -5.61
C PRO B 44 20.13 14.74 -4.89
N GLY B 45 21.01 13.83 -4.47
CA GLY B 45 22.25 14.20 -3.81
C GLY B 45 23.37 14.31 -4.82
N LYS B 46 24.50 13.70 -4.54
CA LYS B 46 25.68 13.85 -5.39
C LYS B 46 25.72 12.81 -6.45
N THR B 47 24.91 11.79 -6.25
CA THR B 47 24.76 10.65 -7.13
C THR B 47 23.31 10.29 -7.13
N ILE B 48 22.86 9.65 -8.21
CA ILE B 48 21.50 9.17 -8.32
C ILE B 48 21.53 7.86 -9.10
N TRP B 49 20.70 6.94 -8.68
CA TRP B 49 20.60 5.67 -9.38
C TRP B 49 19.70 5.82 -10.60
N ILE B 50 20.21 5.55 -11.77
CA ILE B 50 19.43 5.66 -12.98
C ILE B 50 19.41 4.26 -13.65
N GLU B 51 18.22 3.64 -13.65
CA GLU B 51 17.95 2.36 -14.30
C GLU B 51 18.82 1.20 -13.78
N HIS B 52 20.07 1.14 -14.22
CA HIS B 52 20.95 0.02 -13.87
C HIS B 52 22.28 0.48 -13.34
N LYS B 53 22.42 1.76 -12.98
CA LYS B 53 23.71 2.25 -12.51
C LYS B 53 23.72 3.62 -11.81
N LEU B 54 24.73 3.80 -11.00
CA LEU B 54 24.84 4.99 -10.21
C LEU B 54 25.47 6.04 -11.04
N VAL B 55 24.85 7.20 -11.15
CA VAL B 55 25.38 8.25 -12.01
C VAL B 55 25.68 9.47 -11.20
N ASN B 56 26.82 10.13 -11.39
CA ASN B 56 27.11 11.34 -10.61
C ASN B 56 26.39 12.55 -11.13
N ILE B 57 26.00 13.40 -10.19
CA ILE B 57 25.33 14.64 -10.50
C ILE B 57 26.33 15.79 -10.46
N LEU B 58 26.53 16.51 -11.59
CA LEU B 58 27.53 17.60 -11.59
C LEU B 58 26.99 18.87 -10.98
N ASP B 59 25.69 18.98 -10.96
CA ASP B 59 25.10 20.24 -10.69
C ASP B 59 23.58 20.07 -10.56
N ALA B 60 23.01 20.77 -9.60
CA ALA B 60 21.57 20.73 -9.41
C ALA B 60 21.12 22.15 -9.19
N VAL B 61 20.06 22.55 -9.89
CA VAL B 61 19.49 23.87 -9.82
C VAL B 61 17.99 23.75 -9.47
N GLU B 62 17.59 24.24 -8.29
CA GLU B 62 16.19 24.27 -7.84
C GLU B 62 15.52 25.54 -8.33
N LEU B 63 14.47 25.41 -9.11
CA LEU B 63 13.91 26.57 -9.79
C LEU B 63 12.95 27.31 -8.90
N VAL B 64 13.09 28.63 -8.84
CA VAL B 64 12.13 29.50 -8.16
C VAL B 64 11.66 30.55 -9.15
N ASP B 65 10.53 31.17 -8.85
CA ASP B 65 10.11 32.27 -9.65
C ASP B 65 10.72 33.59 -9.15
N GLU B 66 10.26 34.66 -9.76
CA GLU B 66 10.80 35.99 -9.61
C GLU B 66 10.46 36.60 -8.24
N GLN B 67 9.59 35.96 -7.47
CA GLN B 67 9.29 36.37 -6.12
C GLN B 67 9.97 35.41 -5.15
N GLY B 68 10.76 34.47 -5.66
CA GLY B 68 11.46 33.48 -4.81
C GLY B 68 10.58 32.31 -4.42
N VAL B 69 9.47 32.11 -5.11
CA VAL B 69 8.58 30.99 -4.74
C VAL B 69 8.98 29.71 -5.49
N ASN B 70 9.05 28.65 -4.71
CA ASN B 70 9.32 27.30 -5.17
C ASN B 70 8.55 26.97 -6.46
N LEU B 71 9.24 26.35 -7.43
CA LEU B 71 8.54 25.77 -8.58
C LEU B 71 8.52 24.25 -8.57
N GLU B 72 9.14 23.63 -7.56
CA GLU B 72 9.13 22.18 -7.37
C GLU B 72 9.85 21.38 -8.46
N LEU B 73 10.82 22.02 -9.11
CA LEU B 73 11.61 21.43 -10.13
C LEU B 73 13.07 21.63 -9.86
N THR B 74 13.84 20.57 -9.97
CA THR B 74 15.26 20.66 -9.88
C THR B 74 15.84 20.18 -11.19
N LEU B 75 16.71 21.00 -11.76
CA LEU B 75 17.41 20.64 -12.97
C LEU B 75 18.74 19.99 -12.60
N ILE B 76 19.01 18.78 -13.05
CA ILE B 76 20.31 18.21 -12.82
C ILE B 76 21.09 17.97 -14.11
N THR B 77 22.38 18.18 -14.03
CA THR B 77 23.32 17.95 -15.08
C THR B 77 24.06 16.71 -14.66
N LEU B 78 24.01 15.69 -15.51
CA LEU B 78 24.61 14.40 -15.18
C LEU B 78 25.97 14.19 -15.79
N ASP B 79 26.79 13.38 -15.11
CA ASP B 79 28.09 12.94 -15.65
C ASP B 79 27.88 11.64 -16.38
N THR B 80 27.43 11.75 -17.61
CA THR B 80 27.10 10.59 -18.45
C THR B 80 27.68 10.74 -19.79
N ASN B 81 27.80 9.61 -20.45
CA ASN B 81 28.07 9.57 -21.87
C ASN B 81 26.82 9.80 -22.66
N GLU B 82 25.66 9.52 -22.08
CA GLU B 82 24.37 9.76 -22.78
C GLU B 82 24.14 11.23 -23.08
N LYS B 83 23.79 11.55 -24.32
CA LYS B 83 23.14 12.78 -24.66
C LYS B 83 21.65 12.48 -24.85
N PHE B 84 20.79 13.04 -24.01
CA PHE B 84 19.35 12.80 -24.17
C PHE B 84 18.85 13.35 -25.51
N ARG B 85 17.93 12.62 -26.15
CA ARG B 85 17.25 13.17 -27.33
C ARG B 85 16.62 14.53 -26.97
N ASP B 86 16.90 15.58 -27.76
CA ASP B 86 16.51 16.94 -27.38
C ASP B 86 15.02 17.11 -27.63
N ILE B 87 14.25 17.25 -26.55
CA ILE B 87 12.80 17.36 -26.67
C ILE B 87 12.33 18.77 -26.31
N THR B 88 13.27 19.74 -26.24
CA THR B 88 12.89 21.10 -25.85
C THR B 88 11.82 21.70 -26.82
N LYS B 89 11.85 21.30 -28.09
CA LYS B 89 10.83 21.81 -29.03
C LYS B 89 9.40 21.29 -28.74
N PHE B 90 9.26 20.20 -27.98
CA PHE B 90 7.95 19.69 -27.58
C PHE B 90 7.44 20.32 -26.31
N ILE B 91 8.31 21.08 -25.66
CA ILE B 91 7.94 21.78 -24.46
C ILE B 91 7.50 23.18 -24.86
N PRO B 92 6.28 23.55 -24.47
CA PRO B 92 5.78 24.84 -24.94
C PRO B 92 6.55 26.02 -24.30
N GLU B 93 6.50 27.16 -24.96
CA GLU B 93 7.18 28.37 -24.50
C GLU B 93 6.58 28.97 -23.25
N ASN B 94 5.32 28.72 -23.03
CA ASN B 94 4.69 29.11 -21.80
C ASN B 94 3.89 27.96 -21.30
N ILE B 95 3.57 28.02 -20.02
CA ILE B 95 2.86 26.96 -19.37
C ILE B 95 1.48 26.79 -19.99
N SER B 96 1.28 25.62 -20.60
CA SER B 96 0.12 25.34 -21.40
C SER B 96 -0.78 24.27 -20.79
N THR B 97 -2.09 24.50 -20.84
CA THR B 97 -3.10 23.49 -20.57
C THR B 97 -3.14 22.44 -21.65
N ALA B 98 -4.03 21.44 -21.51
CA ALA B 98 -4.23 20.41 -22.56
C ALA B 98 -5.47 19.59 -22.32
N SER B 99 -5.94 18.92 -23.35
CA SER B 99 -7.14 18.12 -23.27
C SER B 99 -6.71 16.71 -23.29
N ASP B 100 -7.32 15.88 -22.45
CA ASP B 100 -7.10 14.46 -22.55
C ASP B 100 -5.63 14.00 -22.55
N ALA B 101 -4.89 14.51 -21.58
CA ALA B 101 -3.51 14.24 -21.41
C ALA B 101 -3.27 12.85 -20.92
N THR B 102 -2.04 12.37 -21.14
CA THR B 102 -1.59 11.14 -20.60
C THR B 102 -0.45 11.44 -19.63
N LEU B 103 -0.47 10.77 -18.50
CA LEU B 103 0.65 10.81 -17.56
C LEU B 103 1.51 9.58 -17.80
N VAL B 104 2.78 9.81 -18.07
CA VAL B 104 3.72 8.76 -18.32
C VAL B 104 4.68 8.59 -17.15
N ILE B 105 4.58 7.45 -16.51
CA ILE B 105 5.33 7.10 -15.33
C ILE B 105 6.29 5.91 -15.63
N ASN B 106 7.49 6.00 -15.04
CA ASN B 106 8.51 5.02 -15.30
C ASN B 106 9.47 4.92 -14.15
N THR B 107 9.15 3.96 -13.30
CA THR B 107 9.80 3.70 -12.03
C THR B 107 10.00 2.15 -11.99
N GLU B 108 10.95 1.69 -11.20
CA GLU B 108 11.10 0.28 -10.93
C GLU B 108 9.79 -0.37 -10.45
N HIS B 109 9.04 0.29 -9.60
CA HIS B 109 7.75 -0.22 -9.13
C HIS B 109 6.61 -0.02 -10.13
N MET B 110 6.66 1.03 -10.93
CA MET B 110 5.63 1.33 -11.93
C MET B 110 6.29 1.58 -13.30
N PRO B 111 6.74 0.51 -13.95
CA PRO B 111 7.48 0.68 -15.18
C PRO B 111 6.60 0.84 -16.39
N SER B 112 7.02 1.70 -17.31
CA SER B 112 6.31 2.02 -18.52
C SER B 112 4.85 2.07 -18.33
N MET B 113 4.43 2.95 -17.45
CA MET B 113 3.06 3.08 -17.06
C MET B 113 2.44 4.30 -17.70
N PHE B 114 1.38 4.07 -18.46
CA PHE B 114 0.65 5.17 -19.08
C PHE B 114 -0.71 5.32 -18.43
N VAL B 115 -1.03 6.54 -17.98
CA VAL B 115 -2.31 6.83 -17.35
C VAL B 115 -3.08 8.03 -17.91
N PRO B 116 -4.36 7.84 -18.21
CA PRO B 116 -5.20 8.87 -18.80
C PRO B 116 -5.69 9.83 -17.70
N VAL B 117 -5.07 10.98 -17.52
CA VAL B 117 -5.45 11.93 -16.43
C VAL B 117 -6.54 12.90 -16.86
N GLY B 118 -6.75 12.96 -18.16
CA GLY B 118 -7.77 13.83 -18.71
C GLY B 118 -7.25 15.26 -18.94
N ASP B 119 -8.19 16.20 -18.87
CA ASP B 119 -7.89 17.58 -19.10
C ASP B 119 -7.01 18.10 -18.00
N VAL B 120 -6.09 18.94 -18.40
CA VAL B 120 -5.11 19.52 -17.53
C VAL B 120 -5.37 21.01 -17.53
N VAL B 121 -5.68 21.59 -16.36
CA VAL B 121 -6.06 23.01 -16.27
C VAL B 121 -5.08 23.83 -15.43
N GLN B 122 -5.11 25.16 -15.61
CA GLN B 122 -4.28 26.10 -14.83
C GLN B 122 -4.69 26.06 -13.41
N TYR B 123 -3.74 26.12 -12.52
CA TYR B 123 -4.09 26.04 -11.11
C TYR B 123 -3.35 27.16 -10.39
N GLY B 124 -2.03 27.20 -10.53
CA GLY B 124 -1.22 28.31 -10.02
C GLY B 124 -0.55 27.95 -8.70
N PHE B 125 -1.00 28.63 -7.66
CA PHE B 125 -0.49 28.47 -6.32
C PHE B 125 -0.95 27.19 -5.66
N LEU B 126 -0.05 26.50 -5.00
CA LEU B 126 -0.36 25.23 -4.35
C LEU B 126 0.52 25.13 -3.11
N ASN B 127 -0.08 24.84 -1.99
CA ASN B 127 0.72 24.55 -0.79
C ASN B 127 0.98 23.05 -0.75
N LEU B 128 2.22 22.69 -1.05
CA LEU B 128 2.60 21.30 -1.21
C LEU B 128 3.36 20.75 0.02
N SER B 129 2.66 20.11 0.95
CA SER B 129 3.27 19.64 2.21
C SER B 129 4.00 20.75 2.89
N GLY B 130 3.28 21.85 3.08
CA GLY B 130 3.81 22.97 3.79
C GLY B 130 4.66 23.88 2.94
N LYS B 131 4.93 23.51 1.70
CA LYS B 131 5.82 24.28 0.84
C LYS B 131 5.01 25.04 -0.24
N PRO B 132 5.03 26.36 -0.19
CA PRO B 132 4.34 27.13 -1.20
C PRO B 132 4.98 26.90 -2.56
N THR B 133 4.18 26.78 -3.60
CA THR B 133 4.67 26.37 -4.90
C THR B 133 3.84 27.10 -5.92
N HIS B 134 4.47 27.53 -7.00
CA HIS B 134 3.71 28.21 -8.07
C HIS B 134 3.77 27.48 -9.38
N ARG B 135 3.01 27.99 -10.32
CA ARG B 135 3.01 27.57 -11.71
C ARG B 135 2.60 26.11 -11.90
N THR B 136 1.64 25.67 -11.08
CA THR B 136 1.16 24.32 -11.10
C THR B 136 -0.09 24.18 -11.95
N MET B 137 -0.34 22.94 -12.40
CA MET B 137 -1.55 22.60 -13.13
C MET B 137 -2.21 21.40 -12.49
N MET B 138 -3.45 21.14 -12.86
CA MET B 138 -4.26 20.20 -12.14
C MET B 138 -4.99 19.29 -13.11
N TYR B 139 -5.16 18.05 -12.67
CA TYR B 139 -5.95 17.08 -13.41
C TYR B 139 -6.85 16.34 -12.44
N ASN B 140 -8.05 16.03 -12.90
CA ASN B 140 -8.99 15.30 -12.05
C ASN B 140 -8.70 13.83 -12.21
N PHE B 141 -7.64 13.40 -11.56
CA PHE B 141 -7.28 11.99 -11.50
C PHE B 141 -6.61 11.64 -10.17
N PRO B 142 -6.93 10.47 -9.57
CA PRO B 142 -6.39 10.17 -8.25
C PRO B 142 -4.99 9.61 -8.31
N THR B 143 -4.04 10.49 -8.60
CA THR B 143 -2.66 10.09 -8.64
C THR B 143 -2.25 9.72 -7.23
N LYS B 144 -1.19 8.94 -7.11
CA LYS B 144 -0.77 8.41 -5.81
C LYS B 144 0.75 8.47 -5.65
N ALA B 145 1.20 8.10 -4.45
CA ALA B 145 2.63 8.00 -4.15
C ALA B 145 3.31 7.06 -5.15
N GLY B 146 4.55 7.39 -5.45
CA GLY B 146 5.32 6.65 -6.44
C GLY B 146 5.21 7.24 -7.83
N GLN B 147 4.30 8.18 -8.06
CA GLN B 147 4.09 8.71 -9.42
C GLN B 147 4.66 10.08 -9.57
N CYS B 148 5.35 10.60 -8.59
CA CYS B 148 6.04 11.89 -8.76
C CYS B 148 7.17 11.83 -9.77
N GLY B 149 7.24 12.89 -10.59
CA GLY B 149 8.17 12.96 -11.71
C GLY B 149 7.55 12.48 -13.01
N GLY B 150 6.38 11.87 -12.90
CA GLY B 150 5.67 11.43 -14.06
C GLY B 150 5.46 12.58 -15.04
N VAL B 151 5.49 12.25 -16.31
CA VAL B 151 5.51 13.28 -17.37
C VAL B 151 4.14 13.45 -17.98
N VAL B 152 3.63 14.65 -17.87
CA VAL B 152 2.30 14.99 -18.38
C VAL B 152 2.42 15.37 -19.87
N THR B 153 1.72 14.64 -20.73
CA THR B 153 1.88 14.77 -22.19
C THR B 153 0.55 14.76 -22.95
N SER B 154 0.52 15.46 -24.08
CA SER B 154 -0.67 15.49 -24.94
C SER B 154 -0.37 15.95 -26.31
N VAL B 155 -0.69 15.11 -27.30
CA VAL B 155 -0.49 15.42 -28.75
C VAL B 155 0.92 15.86 -29.09
N GLY B 156 1.96 15.21 -28.61
CA GLY B 156 3.32 15.66 -28.94
C GLY B 156 3.83 16.83 -28.13
N LYS B 157 3.17 17.19 -27.05
CA LYS B 157 3.61 18.25 -26.20
C LYS B 157 3.94 17.71 -24.79
N VAL B 158 5.00 18.23 -24.19
CA VAL B 158 5.47 17.80 -22.87
C VAL B 158 5.27 19.00 -21.94
N ILE B 159 4.22 18.97 -21.15
CA ILE B 159 3.73 20.14 -20.43
C ILE B 159 3.89 20.15 -18.88
N GLY B 160 4.21 19.02 -18.26
CA GLY B 160 4.27 18.97 -16.84
C GLY B 160 5.01 17.79 -16.24
N ILE B 161 5.37 17.96 -14.97
CA ILE B 161 6.05 16.95 -14.16
C ILE B 161 5.22 16.77 -12.90
N HIS B 162 4.71 15.56 -12.69
CA HIS B 162 3.85 15.29 -11.57
C HIS B 162 4.54 15.50 -10.22
N ILE B 163 3.86 16.23 -9.30
CA ILE B 163 4.45 16.58 -7.99
C ILE B 163 3.57 16.29 -6.75
N GLY B 164 2.28 16.07 -6.92
CA GLY B 164 1.42 15.86 -5.78
C GLY B 164 -0.03 15.66 -6.14
N GLY B 165 -0.82 15.38 -5.11
CA GLY B 165 -2.25 15.04 -5.27
C GLY B 165 -2.96 14.98 -3.93
N ASN B 166 -4.28 15.09 -3.93
CA ASN B 166 -5.06 15.09 -2.69
C ASN B 166 -5.95 13.88 -2.59
N GLY B 167 -5.72 12.89 -3.45
CA GLY B 167 -6.47 11.67 -3.42
C GLY B 167 -7.57 11.65 -4.44
N ARG B 168 -8.02 12.81 -4.94
CA ARG B 168 -8.98 12.83 -6.06
C ARG B 168 -8.46 13.60 -7.27
N GLN B 169 -7.46 14.44 -7.03
CA GLN B 169 -6.86 15.26 -8.06
C GLN B 169 -5.37 15.09 -8.01
N GLY B 170 -4.75 15.40 -9.13
CA GLY B 170 -3.29 15.40 -9.25
C GLY B 170 -2.82 16.77 -9.69
N PHE B 171 -1.60 17.12 -9.30
CA PHE B 171 -0.97 18.38 -9.61
C PHE B 171 0.42 18.19 -10.18
N CYS B 172 0.74 18.96 -11.22
CA CYS B 172 2.06 18.97 -11.80
C CYS B 172 2.72 20.34 -11.76
N ALA B 173 4.04 20.37 -11.70
CA ALA B 173 4.76 21.57 -12.04
C ALA B 173 4.73 21.77 -13.55
N GLY B 174 4.32 22.94 -13.98
CA GLY B 174 4.29 23.27 -15.40
C GLY B 174 5.67 23.39 -16.00
N LEU B 175 5.80 23.00 -17.26
CA LEU B 175 7.07 23.12 -17.94
C LEU B 175 7.03 24.22 -18.96
N LYS B 176 8.12 24.96 -19.08
CA LYS B 176 8.26 25.87 -20.18
C LYS B 176 9.68 25.79 -20.70
N ARG B 177 9.80 26.10 -21.99
CA ARG B 177 11.01 25.84 -22.71
C ARG B 177 12.17 26.60 -22.17
N SER B 178 11.96 27.85 -21.71
CA SER B 178 13.08 28.65 -21.23
C SER B 178 13.79 28.04 -20.05
N TYR B 179 13.11 27.17 -19.29
CA TYR B 179 13.80 26.45 -18.20
C TYR B 179 15.00 25.64 -18.68
N PHE B 180 14.96 25.18 -19.93
CA PHE B 180 16.01 24.27 -20.42
C PHE B 180 16.87 24.91 -21.50
N ALA B 181 16.71 26.20 -21.70
CA ALA B 181 17.70 26.91 -22.46
C ALA B 181 18.97 26.88 -21.64
N MET C 1 -15.53 -27.91 -6.75
CA MET C 1 -15.63 -27.30 -5.42
C MET C 1 -15.87 -25.80 -5.47
N GLY C 2 -16.81 -25.36 -4.65
CA GLY C 2 -17.10 -23.95 -4.57
C GLY C 2 -16.08 -23.10 -3.86
N PRO C 3 -16.28 -21.80 -3.95
CA PRO C 3 -15.26 -20.83 -3.53
C PRO C 3 -15.09 -20.72 -2.02
N SER C 4 -16.17 -20.86 -1.26
CA SER C 4 -16.03 -20.82 0.22
C SER C 4 -15.31 -21.98 0.79
N LEU C 5 -15.70 -23.19 0.37
CA LEU C 5 -15.01 -24.37 0.81
C LEU C 5 -13.53 -24.32 0.38
N ASP C 6 -13.29 -24.00 -0.88
CA ASP C 6 -11.90 -23.95 -1.35
C ASP C 6 -11.05 -22.95 -0.59
N PHE C 7 -11.60 -21.75 -0.35
CA PHE C 7 -10.86 -20.76 0.38
C PHE C 7 -10.64 -21.14 1.85
N ALA C 8 -11.69 -21.70 2.50
CA ALA C 8 -11.51 -22.06 3.95
C ALA C 8 -10.44 -23.19 4.09
N LEU C 9 -10.49 -24.20 3.21
CA LEU C 9 -9.49 -25.24 3.23
C LEU C 9 -8.07 -24.68 2.97
N SER C 10 -7.97 -23.77 2.01
CA SER C 10 -6.70 -23.27 1.69
C SER C 10 -6.18 -22.39 2.85
N LEU C 11 -7.06 -21.70 3.56
CA LEU C 11 -6.67 -20.99 4.75
C LEU C 11 -6.06 -21.95 5.79
N LEU C 12 -6.73 -23.09 6.00
CA LEU C 12 -6.26 -24.10 6.91
C LEU C 12 -4.91 -24.64 6.50
N ARG C 13 -4.75 -24.93 5.22
CA ARG C 13 -3.50 -25.46 4.71
C ARG C 13 -2.31 -24.49 4.82
N ARG C 14 -2.54 -23.20 4.63
CA ARG C 14 -1.44 -22.28 4.52
C ARG C 14 -1.33 -21.19 5.61
N ASN C 15 -2.39 -20.88 6.34
CA ASN C 15 -2.36 -19.76 7.28
C ASN C 15 -2.86 -19.96 8.71
N VAL C 16 -3.67 -20.95 8.98
CA VAL C 16 -4.35 -21.10 10.27
C VAL C 16 -3.72 -22.30 10.96
N ARG C 17 -2.95 -22.06 12.01
CA ARG C 17 -2.17 -23.08 12.68
C ARG C 17 -2.67 -23.44 14.11
N GLN C 18 -2.41 -24.69 14.48
CA GLN C 18 -2.68 -25.21 15.82
C GLN C 18 -1.51 -24.86 16.66
N VAL C 19 -1.77 -24.12 17.74
CA VAL C 19 -0.70 -23.71 18.66
C VAL C 19 -1.06 -23.88 20.14
N GLN C 20 -0.05 -23.78 20.97
CA GLN C 20 -0.18 -23.84 22.41
C GLN C 20 0.68 -22.84 23.09
N THR C 21 0.14 -22.13 24.06
CA THR C 21 0.97 -21.31 24.94
C THR C 21 0.77 -21.86 26.34
N ASP C 22 1.41 -21.25 27.34
CA ASP C 22 1.11 -21.58 28.75
C ASP C 22 -0.32 -21.32 29.14
N GLN C 23 -1.07 -20.54 28.36
CA GLN C 23 -2.48 -20.33 28.65
C GLN C 23 -3.41 -21.40 28.09
N GLY C 24 -2.93 -22.27 27.20
CA GLY C 24 -3.77 -23.30 26.65
C GLY C 24 -3.69 -23.35 25.12
N HIS C 25 -4.73 -23.89 24.52
CA HIS C 25 -4.79 -24.17 23.09
C HIS C 25 -5.47 -23.04 22.31
N PHE C 26 -4.82 -22.60 21.22
CA PHE C 26 -5.37 -21.51 20.40
C PHE C 26 -5.22 -21.79 18.90
N THR C 27 -6.03 -21.08 18.11
CA THR C 27 -5.88 -21.02 16.66
C THR C 27 -5.09 -19.77 16.36
N MET C 28 -4.04 -19.92 15.58
CA MET C 28 -3.20 -18.81 15.17
C MET C 28 -3.35 -18.54 13.68
N LEU C 29 -3.48 -17.28 13.30
CA LEU C 29 -3.49 -16.85 11.91
C LEU C 29 -2.13 -16.25 11.49
N GLY C 30 -1.47 -16.92 10.57
CA GLY C 30 -0.29 -16.38 9.91
C GLY C 30 -0.75 -15.47 8.79
N VAL C 31 -0.24 -14.28 8.74
CA VAL C 31 -0.77 -13.26 7.84
C VAL C 31 0.13 -13.00 6.64
N ARG C 32 1.43 -12.92 6.88
CA ARG C 32 2.41 -12.81 5.77
C ARG C 32 3.77 -13.00 6.34
N ASP C 33 4.74 -13.33 5.50
CA ASP C 33 6.12 -13.41 5.93
C ASP C 33 6.17 -14.19 7.23
N ARG C 34 6.63 -13.58 8.32
CA ARG C 34 6.76 -14.31 9.58
C ARG C 34 5.89 -13.69 10.61
N LEU C 35 4.90 -12.95 10.16
CA LEU C 35 3.99 -12.24 11.05
C LEU C 35 2.72 -13.04 11.18
N ALA C 36 2.35 -13.31 12.42
CA ALA C 36 1.10 -13.94 12.75
C ALA C 36 0.31 -13.14 13.78
N VAL C 37 -0.95 -13.49 13.99
CA VAL C 37 -1.75 -12.85 15.00
C VAL C 37 -2.48 -13.84 15.90
N LEU C 38 -2.50 -13.51 17.19
CA LEU C 38 -3.15 -14.29 18.27
C LEU C 38 -3.99 -13.37 19.19
N PRO C 39 -5.02 -13.93 19.85
CA PRO C 39 -5.68 -13.18 20.87
C PRO C 39 -4.72 -12.80 21.99
N ARG C 40 -4.84 -11.57 22.46
CA ARG C 40 -3.94 -11.09 23.50
C ARG C 40 -3.90 -12.00 24.75
N HIS C 41 -5.04 -12.56 25.18
CA HIS C 41 -5.07 -13.33 26.40
C HIS C 41 -4.33 -14.68 26.27
N SER C 42 -3.92 -15.09 25.06
CA SER C 42 -3.09 -16.29 24.97
C SER C 42 -1.71 -16.06 25.54
N GLN C 43 -1.30 -14.79 25.62
CA GLN C 43 -0.01 -14.41 26.23
C GLN C 43 1.16 -15.19 25.74
N PRO C 44 1.41 -15.15 24.43
CA PRO C 44 2.56 -15.92 23.97
C PRO C 44 3.80 -15.45 24.68
N GLY C 45 4.65 -16.36 25.12
CA GLY C 45 5.90 -15.97 25.83
C GLY C 45 7.04 -15.85 24.84
N LYS C 46 8.15 -16.51 25.12
CA LYS C 46 9.37 -16.34 24.30
C LYS C 46 9.42 -17.35 23.22
N THR C 47 8.57 -18.35 23.39
CA THR C 47 8.44 -19.46 22.49
C THR C 47 6.98 -19.83 22.46
N ILE C 48 6.56 -20.53 21.42
CA ILE C 48 5.23 -21.02 21.27
C ILE C 48 5.29 -22.34 20.49
N TRP C 49 4.46 -23.28 20.89
CA TRP C 49 4.38 -24.52 20.21
C TRP C 49 3.49 -24.36 18.98
N ILE C 50 4.02 -24.64 17.82
CA ILE C 50 3.23 -24.56 16.59
C ILE C 50 3.22 -25.93 15.93
N GLU C 51 2.02 -26.54 15.90
CA GLU C 51 1.78 -27.84 15.25
C GLU C 51 2.67 -28.92 15.85
N HIS C 52 3.88 -29.04 15.37
CA HIS C 52 4.72 -30.16 15.75
C HIS C 52 6.06 -29.72 16.29
N LYS C 53 6.19 -28.43 16.70
CA LYS C 53 7.47 -27.95 17.19
C LYS C 53 7.47 -26.61 17.90
N LEU C 54 8.50 -26.42 18.72
CA LEU C 54 8.65 -25.20 19.45
C LEU C 54 9.30 -24.14 18.61
N VAL C 55 8.68 -22.96 18.50
CA VAL C 55 9.19 -21.93 17.63
C VAL C 55 9.46 -20.70 18.43
N ASN C 56 10.59 -20.04 18.23
CA ASN C 56 10.94 -18.87 19.00
C ASN C 56 10.16 -17.63 18.50
N ILE C 57 9.74 -16.81 19.43
CA ILE C 57 9.06 -15.58 19.12
C ILE C 57 10.07 -14.45 19.16
N LEU C 58 10.25 -13.69 18.07
CA LEU C 58 11.25 -12.61 18.08
C LEU C 58 10.71 -11.34 18.69
N ASP C 59 9.40 -11.23 18.73
CA ASP C 59 8.79 -9.99 19.01
C ASP C 59 7.27 -10.17 19.14
N ALA C 60 6.68 -9.46 20.08
CA ALA C 60 5.25 -9.48 20.23
C ALA C 60 4.79 -8.05 20.44
N VAL C 61 3.72 -7.66 19.74
CA VAL C 61 3.14 -6.34 19.81
C VAL C 61 1.63 -6.47 20.14
N GLU C 62 1.23 -5.95 21.30
CA GLU C 62 -0.17 -5.93 21.75
C GLU C 62 -0.86 -4.67 21.27
N LEU C 63 -1.91 -4.81 20.49
CA LEU C 63 -2.48 -3.67 19.80
C LEU C 63 -3.45 -2.93 20.69
N VAL C 64 -3.31 -1.60 20.73
CA VAL C 64 -4.28 -0.73 21.43
C VAL C 64 -4.76 0.33 20.44
N ASP C 65 -5.91 0.92 20.74
CA ASP C 65 -6.33 2.04 19.96
C ASP C 65 -5.74 3.36 20.46
N GLU C 66 -6.22 4.43 19.86
CA GLU C 66 -5.68 5.77 19.99
C GLU C 66 -6.02 6.39 21.36
N GLN C 67 -6.85 5.71 22.14
CA GLN C 67 -7.11 6.13 23.49
C GLN C 67 -6.41 5.16 24.45
N GLY C 68 -5.63 4.23 23.93
CA GLY C 68 -4.94 3.22 24.76
C GLY C 68 -5.81 2.02 25.13
N VAL C 69 -6.93 1.82 24.45
CA VAL C 69 -7.81 0.74 24.84
C VAL C 69 -7.38 -0.54 24.12
N ASN C 70 -7.29 -1.61 24.91
CA ASN C 70 -7.06 -2.97 24.43
C ASN C 70 -7.86 -3.33 23.15
N LEU C 71 -7.17 -3.92 22.17
CA LEU C 71 -7.86 -4.49 21.02
C LEU C 71 -7.88 -6.02 21.03
N GLU C 72 -7.24 -6.63 22.02
CA GLU C 72 -7.24 -8.06 22.22
C GLU C 72 -6.50 -8.86 21.12
N LEU C 73 -5.53 -8.21 20.47
CA LEU C 73 -4.73 -8.83 19.41
C LEU C 73 -3.28 -8.61 19.68
N THR C 74 -2.50 -9.67 19.61
CA THR C 74 -1.08 -9.57 19.72
C THR C 74 -0.49 -10.04 18.42
N LEU C 75 0.38 -9.22 17.87
CA LEU C 75 1.08 -9.60 16.66
C LEU C 75 2.38 -10.25 17.07
N ILE C 76 2.68 -11.45 16.58
CA ILE C 76 3.98 -11.99 16.81
C ILE C 76 4.79 -12.24 15.53
N THR C 77 6.08 -11.99 15.63
CA THR C 77 7.04 -12.24 14.59
C THR C 77 7.82 -13.49 15.00
N LEU C 78 7.81 -14.48 14.13
CA LEU C 78 8.38 -15.76 14.44
C LEU C 78 9.73 -15.96 13.82
N ASP C 79 10.54 -16.80 14.49
CA ASP C 79 11.85 -17.23 13.94
C ASP C 79 11.66 -18.54 13.21
N THR C 80 11.19 -18.43 11.98
CA THR C 80 10.86 -19.59 11.15
C THR C 80 11.44 -19.45 9.80
N ASN C 81 11.53 -20.59 9.16
CA ASN C 81 11.89 -20.63 7.76
C ASN C 81 10.67 -20.39 6.93
N GLU C 82 9.48 -20.68 7.48
CA GLU C 82 8.22 -20.41 6.76
C GLU C 82 8.00 -18.91 6.47
N LYS C 83 7.73 -18.54 5.20
CA LYS C 83 6.96 -17.33 4.92
C LYS C 83 5.53 -17.74 4.79
N PHE C 84 4.64 -17.15 5.57
CA PHE C 84 3.22 -17.42 5.39
C PHE C 84 2.79 -16.86 4.03
N ARG C 85 1.88 -17.57 3.36
CA ARG C 85 1.16 -16.99 2.23
C ARG C 85 0.52 -15.63 2.64
N ASP C 86 0.77 -14.57 1.85
CA ASP C 86 0.35 -13.25 2.22
C ASP C 86 -1.15 -13.13 1.95
N ILE C 87 -1.93 -12.98 3.02
CA ILE C 87 -3.36 -12.84 2.90
C ILE C 87 -3.85 -11.46 3.27
N THR C 88 -2.93 -10.48 3.38
CA THR C 88 -3.36 -9.15 3.72
C THR C 88 -4.42 -8.57 2.78
N LYS C 89 -4.39 -8.96 1.50
CA LYS C 89 -5.35 -8.42 0.55
C LYS C 89 -6.78 -8.94 0.82
N PHE C 90 -6.91 -10.03 1.57
CA PHE C 90 -8.24 -10.54 1.96
C PHE C 90 -8.77 -9.91 3.24
N ILE C 91 -7.92 -9.14 3.89
CA ILE C 91 -8.30 -8.46 5.11
C ILE C 91 -8.76 -7.06 4.71
N PRO C 92 -9.98 -6.68 5.08
CA PRO C 92 -10.48 -5.41 4.61
C PRO C 92 -9.71 -4.25 5.26
N GLU C 93 -9.76 -3.09 4.59
CA GLU C 93 -9.08 -1.90 5.06
C GLU C 93 -9.70 -1.32 6.30
N ASN C 94 -11.00 -1.55 6.50
CA ASN C 94 -11.65 -1.15 7.73
C ASN C 94 -12.44 -2.30 8.23
N ILE C 95 -12.75 -2.24 9.51
CA ILE C 95 -13.46 -3.29 10.14
C ILE C 95 -14.83 -3.48 9.52
N SER C 96 -15.02 -4.67 8.91
CA SER C 96 -16.18 -4.96 8.12
C SER C 96 -17.06 -6.05 8.68
N THR C 97 -18.38 -5.80 8.62
CA THR C 97 -19.41 -6.80 8.91
C THR C 97 -19.42 -7.85 7.83
N ALA C 98 -20.28 -8.87 7.97
CA ALA C 98 -20.47 -9.91 6.92
C ALA C 98 -21.69 -10.73 7.18
N SER C 99 -22.19 -11.39 6.13
CA SER C 99 -23.37 -12.20 6.23
C SER C 99 -22.93 -13.60 6.21
N ASP C 100 -23.53 -14.45 7.05
CA ASP C 100 -23.30 -15.87 6.96
C ASP C 100 -21.81 -16.29 6.98
N ALA C 101 -21.09 -15.76 7.96
CA ALA C 101 -19.69 -16.01 8.12
C ALA C 101 -19.45 -17.41 8.62
N THR C 102 -18.24 -17.89 8.37
CA THR C 102 -17.76 -19.13 8.90
C THR C 102 -16.61 -18.82 9.87
N LEU C 103 -16.62 -19.47 11.01
CA LEU C 103 -15.54 -19.43 11.95
C LEU C 103 -14.68 -20.65 11.71
N VAL C 104 -13.40 -20.42 11.46
CA VAL C 104 -12.45 -21.47 11.18
C VAL C 104 -11.49 -21.66 12.34
N ILE C 105 -11.58 -22.82 12.97
CA ILE C 105 -10.84 -23.14 14.15
C ILE C 105 -9.88 -24.31 13.86
N ASN C 106 -8.70 -24.25 14.47
CA ASN C 106 -7.69 -25.23 14.23
C ASN C 106 -6.70 -25.33 15.37
N THR C 107 -7.00 -26.29 16.19
CA THR C 107 -6.38 -26.53 17.49
C THR C 107 -6.17 -28.06 17.52
N GLU C 108 -5.25 -28.51 18.35
CA GLU C 108 -5.10 -29.95 18.59
C GLU C 108 -6.40 -30.59 19.08
N HIS C 109 -7.15 -29.92 19.95
CA HIS C 109 -8.46 -30.44 20.40
C HIS C 109 -9.60 -30.24 19.39
N MET C 110 -9.53 -29.19 18.58
CA MET C 110 -10.55 -28.90 17.57
C MET C 110 -9.85 -28.65 16.22
N PRO C 111 -9.36 -29.71 15.58
CA PRO C 111 -8.68 -29.55 14.34
C PRO C 111 -9.58 -29.41 13.13
N SER C 112 -9.13 -28.58 12.19
CA SER C 112 -9.85 -28.23 10.98
C SER C 112 -11.33 -28.18 11.16
N MET C 113 -11.75 -27.33 12.07
CA MET C 113 -13.11 -27.18 12.43
C MET C 113 -13.74 -25.96 11.78
N PHE C 114 -14.83 -26.18 11.08
CA PHE C 114 -15.56 -25.10 10.47
C PHE C 114 -16.95 -24.91 11.13
N VAL C 115 -17.23 -23.68 11.58
CA VAL C 115 -18.42 -23.34 12.32
C VAL C 115 -19.23 -22.22 11.63
N PRO C 116 -20.49 -22.48 11.25
CA PRO C 116 -21.37 -21.42 10.69
C PRO C 116 -21.91 -20.45 11.75
N VAL C 117 -21.26 -19.31 11.98
CA VAL C 117 -21.65 -18.39 13.10
C VAL C 117 -22.76 -17.43 12.66
N GLY C 118 -22.98 -17.40 11.36
CA GLY C 118 -23.96 -16.50 10.78
C GLY C 118 -23.45 -15.05 10.58
N ASP C 119 -24.39 -14.13 10.65
CA ASP C 119 -24.11 -12.74 10.40
C ASP C 119 -23.24 -12.18 11.50
N VAL C 120 -22.35 -11.32 11.09
CA VAL C 120 -21.36 -10.74 11.97
C VAL C 120 -21.62 -9.25 11.96
N VAL C 121 -21.93 -8.68 13.13
CA VAL C 121 -22.33 -7.27 13.22
C VAL C 121 -21.39 -6.44 14.07
N GLN C 122 -21.44 -5.11 13.90
CA GLN C 122 -20.60 -4.18 14.67
C GLN C 122 -21.00 -4.23 16.09
N TYR C 123 -20.04 -4.19 16.99
CA TYR C 123 -20.40 -4.23 18.39
C TYR C 123 -19.69 -3.12 19.14
N GLY C 124 -18.37 -3.07 19.01
CA GLY C 124 -17.54 -1.94 19.51
C GLY C 124 -16.90 -2.30 20.84
N PHE C 125 -17.35 -1.62 21.89
CA PHE C 125 -16.84 -1.77 23.24
C PHE C 125 -17.31 -3.05 23.90
N LEU C 126 -16.42 -3.75 24.55
CA LEU C 126 -16.74 -5.01 25.19
C LEU C 126 -15.86 -5.10 26.46
N ASN C 127 -16.47 -5.41 27.58
CA ASN C 127 -15.68 -5.70 28.78
C ASN C 127 -15.41 -7.19 28.81
N LEU C 128 -14.18 -7.55 28.48
CA LEU C 128 -13.80 -8.94 28.32
C LEU C 128 -13.05 -9.49 29.56
N SER C 129 -13.75 -10.14 30.49
CA SER C 129 -13.15 -10.63 31.76
C SER C 129 -12.40 -9.52 32.44
N GLY C 130 -13.13 -8.42 32.65
CA GLY C 130 -12.58 -7.30 33.36
C GLY C 130 -11.73 -6.39 32.51
N LYS C 131 -11.47 -6.76 31.26
CA LYS C 131 -10.59 -5.99 30.42
C LYS C 131 -11.40 -5.23 29.35
N PRO C 132 -11.34 -3.90 29.38
CA PRO C 132 -12.02 -3.11 28.37
C PRO C 132 -11.41 -3.31 27.03
N THR C 133 -12.23 -3.42 26.00
CA THR C 133 -11.72 -3.85 24.70
C THR C 133 -12.52 -3.11 23.67
N HIS C 134 -11.90 -2.71 22.57
CA HIS C 134 -12.66 -2.04 21.50
C HIS C 134 -12.59 -2.78 20.17
N ARG C 135 -13.35 -2.25 19.23
CA ARG C 135 -13.36 -2.67 17.81
C ARG C 135 -13.78 -4.11 17.62
N THR C 136 -14.71 -4.56 18.45
CA THR C 136 -15.17 -5.94 18.44
C THR C 136 -16.37 -6.07 17.56
N MET C 137 -16.62 -7.30 17.10
CA MET C 137 -17.85 -7.64 16.37
C MET C 137 -18.50 -8.85 17.02
N MET C 138 -19.74 -9.12 16.66
CA MET C 138 -20.58 -10.04 17.38
C MET C 138 -21.31 -10.95 16.40
N TYR C 139 -21.46 -12.20 16.82
CA TYR C 139 -22.26 -13.19 16.08
C TYR C 139 -23.16 -13.92 17.06
N ASN C 140 -24.38 -14.20 16.63
CA ASN C 140 -25.31 -14.92 17.47
C ASN C 140 -25.05 -16.41 17.31
N PHE C 141 -23.97 -16.85 17.94
CA PHE C 141 -23.61 -18.30 17.98
C PHE C 141 -22.93 -18.62 19.33
N PRO C 142 -23.26 -19.77 19.93
CA PRO C 142 -22.72 -20.07 21.27
C PRO C 142 -21.31 -20.65 21.18
N THR C 143 -20.36 -19.80 20.87
CA THR C 143 -18.99 -20.18 20.85
C THR C 143 -18.58 -20.57 22.26
N LYS C 144 -17.49 -21.34 22.37
CA LYS C 144 -17.11 -21.90 23.65
C LYS C 144 -15.58 -21.83 23.82
N ALA C 145 -15.13 -22.22 25.01
CA ALA C 145 -13.73 -22.32 25.32
C ALA C 145 -13.02 -23.25 24.31
N GLY C 146 -11.77 -22.91 24.03
CA GLY C 146 -11.00 -23.62 23.08
C GLY C 146 -11.10 -23.01 21.69
N GLN C 147 -12.03 -22.08 21.46
CA GLN C 147 -12.22 -21.55 20.09
C GLN C 147 -11.62 -20.17 19.93
N CYS C 148 -10.96 -19.66 20.94
CA CYS C 148 -10.26 -18.35 20.77
C CYS C 148 -9.11 -18.40 19.77
N GLY C 149 -9.04 -17.36 18.97
CA GLY C 149 -8.09 -17.27 17.84
C GLY C 149 -8.69 -17.75 16.52
N GLY C 150 -9.84 -18.39 16.62
CA GLY C 150 -10.56 -18.81 15.44
C GLY C 150 -10.79 -17.66 14.48
N VAL C 151 -10.75 -17.97 13.21
CA VAL C 151 -10.71 -16.94 12.15
C VAL C 151 -12.08 -16.79 11.52
N VAL C 152 -12.61 -15.59 11.62
CA VAL C 152 -13.93 -15.27 11.11
C VAL C 152 -13.80 -14.89 9.65
N THR C 153 -14.48 -15.63 8.77
CA THR C 153 -14.30 -15.51 7.33
C THR C 153 -15.62 -15.52 6.56
N SER C 154 -15.63 -14.84 5.42
CA SER C 154 -16.83 -14.81 4.58
C SER C 154 -16.48 -14.40 3.18
N VAL C 155 -16.75 -15.33 2.27
CA VAL C 155 -16.40 -15.30 0.87
C VAL C 155 -15.14 -14.56 0.48
N GLY C 156 -14.09 -15.13 0.93
CA GLY C 156 -12.78 -14.63 0.60
C GLY C 156 -12.32 -13.43 1.39
N LYS C 157 -13.01 -13.09 2.46
CA LYS C 157 -12.57 -12.02 3.32
C LYS C 157 -12.26 -12.53 4.72
N VAL C 158 -11.22 -12.00 5.34
CA VAL C 158 -10.76 -12.44 6.66
C VAL C 158 -10.99 -11.24 7.58
N ILE C 159 -12.04 -11.28 8.40
CA ILE C 159 -12.52 -10.13 9.09
C ILE C 159 -12.37 -10.12 10.64
N GLY C 160 -12.06 -11.23 11.25
CA GLY C 160 -12.00 -11.27 12.70
C GLY C 160 -11.24 -12.47 13.29
N ILE C 161 -10.88 -12.30 14.54
CA ILE C 161 -10.23 -13.30 15.36
C ILE C 161 -11.11 -13.48 16.62
N HIS C 162 -11.59 -14.70 16.85
CA HIS C 162 -12.46 -14.98 17.99
C HIS C 162 -11.78 -14.78 19.34
N ILE C 163 -12.45 -14.03 20.25
CA ILE C 163 -11.87 -13.69 21.55
C ILE C 163 -12.74 -13.99 22.79
N GLY C 164 -14.03 -14.21 22.59
CA GLY C 164 -14.91 -14.41 23.75
C GLY C 164 -16.33 -14.63 23.38
N GLY C 165 -17.13 -14.86 24.41
CA GLY C 165 -18.56 -15.20 24.23
C GLY C 165 -19.26 -15.29 25.57
N ASN C 166 -20.57 -15.13 25.59
CA ASN C 166 -21.33 -15.11 26.83
C ASN C 166 -22.28 -16.33 26.93
N GLY C 167 -22.10 -17.30 26.04
CA GLY C 167 -22.82 -18.55 26.10
C GLY C 167 -23.92 -18.59 25.08
N ARG C 168 -24.34 -17.43 24.58
CA ARG C 168 -25.23 -17.41 23.41
C ARG C 168 -24.69 -16.67 22.23
N GLN C 169 -23.72 -15.80 22.50
CA GLN C 169 -23.15 -14.96 21.47
C GLN C 169 -21.66 -15.12 21.53
N GLY C 170 -21.05 -14.84 20.40
CA GLY C 170 -19.60 -14.87 20.24
C GLY C 170 -19.10 -13.49 19.77
N PHE C 171 -17.90 -13.15 20.19
CA PHE C 171 -17.29 -11.84 19.92
C PHE C 171 -15.89 -12.04 19.35
N CYS C 172 -15.58 -11.29 18.30
CA CYS C 172 -14.23 -11.29 17.69
C CYS C 172 -13.60 -9.94 17.74
N ALA C 173 -12.27 -9.90 17.81
CA ALA C 173 -11.55 -8.69 17.48
C ALA C 173 -11.57 -8.49 15.99
N GLY C 174 -11.99 -7.31 15.56
CA GLY C 174 -12.03 -6.99 14.15
C GLY C 174 -10.63 -6.88 13.58
N LEU C 175 -10.49 -7.26 12.31
CA LEU C 175 -9.23 -7.13 11.60
C LEU C 175 -9.30 -6.01 10.59
N LYS C 176 -8.21 -5.26 10.49
CA LYS C 176 -8.05 -4.39 9.38
C LYS C 176 -6.63 -4.49 8.87
N ARG C 177 -6.49 -4.15 7.60
CA ARG C 177 -5.25 -4.40 6.86
C ARG C 177 -4.10 -3.62 7.40
N SER C 178 -4.33 -2.39 7.86
CA SER C 178 -3.24 -1.59 8.36
C SER C 178 -2.54 -2.20 9.54
N TYR C 179 -3.19 -3.06 10.31
CA TYR C 179 -2.50 -3.76 11.42
C TYR C 179 -1.29 -4.55 10.92
N PHE C 180 -1.32 -5.02 9.67
CA PHE C 180 -0.28 -5.94 9.20
C PHE C 180 0.60 -5.29 8.13
N ALA C 181 0.42 -4.01 7.92
CA ALA C 181 1.39 -3.29 7.15
C ALA C 181 2.71 -3.30 7.93
N MET D 1 -31.35 -60.35 23.10
CA MET D 1 -31.53 -59.53 24.31
C MET D 1 -31.77 -58.06 24.01
N GLY D 2 -32.74 -57.51 24.69
CA GLY D 2 -33.05 -56.07 24.52
C GLY D 2 -32.11 -55.08 25.17
N PRO D 3 -32.38 -53.80 24.96
CA PRO D 3 -31.40 -52.78 25.24
C PRO D 3 -31.32 -52.42 26.70
N SER D 4 -32.45 -52.52 27.41
CA SER D 4 -32.46 -52.21 28.85
C SER D 4 -31.77 -53.27 29.70
N LEU D 5 -32.07 -54.53 29.42
CA LEU D 5 -31.35 -55.61 30.06
C LEU D 5 -29.83 -55.55 29.73
N ASP D 6 -29.52 -55.36 28.45
CA ASP D 6 -28.13 -55.31 28.03
C ASP D 6 -27.37 -54.20 28.75
N PHE D 7 -28.00 -53.03 28.90
CA PHE D 7 -27.34 -51.89 29.58
C PHE D 7 -27.10 -52.19 31.09
N ALA D 8 -28.10 -52.78 31.73
CA ALA D 8 -27.95 -53.06 33.19
C ALA D 8 -26.88 -54.11 33.41
N LEU D 9 -26.87 -55.13 32.57
CA LEU D 9 -25.87 -56.18 32.71
C LEU D 9 -24.44 -55.67 32.39
N SER D 10 -24.34 -54.84 31.40
CA SER D 10 -23.08 -54.23 31.10
C SER D 10 -22.64 -53.31 32.25
N LEU D 11 -23.56 -52.59 32.88
CA LEU D 11 -23.18 -51.80 34.08
C LEU D 11 -22.57 -52.73 35.16
N LEU D 12 -23.23 -53.85 35.40
CA LEU D 12 -22.79 -54.86 36.34
C LEU D 12 -21.42 -55.40 36.02
N ARG D 13 -21.15 -55.65 34.77
CA ARG D 13 -19.84 -56.14 34.35
C ARG D 13 -18.74 -55.10 34.54
N ARG D 14 -18.98 -53.83 34.21
CA ARG D 14 -17.88 -52.89 34.14
C ARG D 14 -17.85 -51.79 35.21
N ASN D 15 -18.95 -51.49 35.88
CA ASN D 15 -19.01 -50.36 36.81
C ASN D 15 -19.57 -50.59 38.21
N VAL D 16 -20.34 -51.63 38.45
CA VAL D 16 -21.05 -51.81 39.72
C VAL D 16 -20.37 -52.99 40.42
N ARG D 17 -19.63 -52.72 41.49
CA ARG D 17 -18.83 -53.71 42.16
C ARG D 17 -19.34 -54.12 43.54
N GLN D 18 -19.08 -55.38 43.88
CA GLN D 18 -19.34 -55.94 45.19
C GLN D 18 -18.22 -55.52 46.09
N VAL D 19 -18.54 -54.81 47.17
CA VAL D 19 -17.51 -54.37 48.13
C VAL D 19 -17.91 -54.61 49.60
N GLN D 20 -16.90 -54.47 50.47
CA GLN D 20 -17.07 -54.57 51.90
C GLN D 20 -16.29 -53.51 52.60
N THR D 21 -16.89 -52.84 53.55
CA THR D 21 -16.17 -51.99 54.47
C THR D 21 -16.37 -52.57 55.87
N ASP D 22 -15.78 -51.92 56.88
CA ASP D 22 -16.08 -52.27 58.27
C ASP D 22 -17.55 -52.18 58.62
N GLN D 23 -18.35 -51.44 57.86
CA GLN D 23 -19.80 -51.33 58.11
C GLN D 23 -20.60 -52.47 57.50
N GLY D 24 -20.00 -53.28 56.63
CA GLY D 24 -20.78 -54.37 56.02
C GLY D 24 -20.67 -54.34 54.50
N HIS D 25 -21.67 -54.92 53.86
CA HIS D 25 -21.65 -55.16 52.41
C HIS D 25 -22.38 -54.09 51.63
N PHE D 26 -21.75 -53.61 50.57
CA PHE D 26 -22.36 -52.52 49.76
C PHE D 26 -22.15 -52.74 48.28
N THR D 27 -22.98 -52.06 47.48
CA THR D 27 -22.79 -51.94 46.02
C THR D 27 -22.05 -50.63 45.80
N MET D 28 -20.98 -50.71 45.01
CA MET D 28 -20.16 -49.56 44.67
C MET D 28 -20.25 -49.25 43.19
N LEU D 29 -20.42 -47.97 42.83
CA LEU D 29 -20.45 -47.56 41.44
C LEU D 29 -19.10 -46.90 41.07
N GLY D 30 -18.36 -47.53 40.15
CA GLY D 30 -17.19 -46.90 39.56
C GLY D 30 -17.68 -45.98 38.43
N VAL D 31 -17.27 -44.74 38.45
CA VAL D 31 -17.80 -43.74 37.55
C VAL D 31 -16.87 -43.38 36.38
N ARG D 32 -15.60 -43.23 36.65
CA ARG D 32 -14.59 -43.02 35.60
C ARG D 32 -13.22 -43.04 36.24
N ASP D 33 -12.21 -43.23 35.40
CA ASP D 33 -10.86 -43.27 35.88
C ASP D 33 -10.79 -44.14 37.14
N ARG D 34 -10.36 -43.58 38.25
CA ARG D 34 -10.26 -44.40 39.49
C ARG D 34 -11.19 -43.83 40.52
N LEU D 35 -12.22 -43.13 40.06
CA LEU D 35 -13.16 -42.49 40.93
C LEU D 35 -14.40 -43.37 41.03
N ALA D 36 -14.81 -43.65 42.25
CA ALA D 36 -16.04 -44.36 42.51
C ALA D 36 -16.92 -43.65 43.54
N VAL D 37 -18.17 -44.10 43.69
CA VAL D 37 -19.04 -43.51 44.69
C VAL D 37 -19.73 -44.60 45.56
N LEU D 38 -19.84 -44.29 46.85
CA LEU D 38 -20.50 -45.12 47.87
C LEU D 38 -21.42 -44.30 48.75
N PRO D 39 -22.38 -44.93 49.40
CA PRO D 39 -23.17 -44.21 50.40
C PRO D 39 -22.31 -43.81 51.56
N ARG D 40 -22.50 -42.60 52.06
CA ARG D 40 -21.62 -42.11 53.12
C ARG D 40 -21.57 -43.04 54.34
N HIS D 41 -22.70 -43.66 54.69
CA HIS D 41 -22.74 -44.47 55.91
C HIS D 41 -21.93 -45.76 55.77
N SER D 42 -21.47 -46.11 54.57
CA SER D 42 -20.60 -47.29 54.48
C SER D 42 -19.21 -46.99 55.12
N GLN D 43 -18.86 -45.72 55.26
CA GLN D 43 -17.61 -45.27 55.94
C GLN D 43 -16.35 -45.95 55.47
N PRO D 44 -16.02 -45.81 54.20
CA PRO D 44 -14.82 -46.52 53.75
C PRO D 44 -13.62 -46.00 54.49
N GLY D 45 -12.70 -46.86 54.89
CA GLY D 45 -11.52 -46.46 55.65
C GLY D 45 -10.37 -46.26 54.71
N LYS D 46 -9.22 -46.82 55.03
CA LYS D 46 -8.02 -46.61 54.21
C LYS D 46 -7.89 -47.60 53.12
N THR D 47 -8.67 -48.66 53.25
CA THR D 47 -8.71 -49.76 52.32
C THR D 47 -10.14 -50.17 52.23
N ILE D 48 -10.48 -50.82 51.13
CA ILE D 48 -11.80 -51.41 50.98
C ILE D 48 -11.63 -52.72 50.21
N TRP D 49 -12.43 -53.70 50.55
CA TRP D 49 -12.44 -54.95 49.84
C TRP D 49 -13.29 -54.78 48.59
N ILE D 50 -12.71 -55.02 47.44
CA ILE D 50 -13.47 -54.99 46.20
C ILE D 50 -13.42 -56.37 45.55
N GLU D 51 -14.57 -57.05 45.59
CA GLU D 51 -14.79 -58.41 45.04
C GLU D 51 -13.85 -59.50 45.47
N HIS D 52 -12.60 -59.46 45.05
CA HIS D 52 -11.68 -60.54 45.34
C HIS D 52 -10.38 -60.02 45.96
N LYS D 53 -10.33 -58.74 46.38
CA LYS D 53 -9.09 -58.18 46.89
C LYS D 53 -9.17 -56.86 47.63
N LEU D 54 -8.17 -56.62 48.46
CA LEU D 54 -8.10 -55.41 49.20
C LEU D 54 -7.50 -54.28 48.39
N VAL D 55 -8.18 -53.15 48.28
CA VAL D 55 -7.70 -52.07 47.40
C VAL D 55 -7.51 -50.82 48.26
N ASN D 56 -6.43 -50.13 48.09
CA ASN D 56 -6.14 -48.96 48.90
C ASN D 56 -6.98 -47.74 48.41
N ILE D 57 -7.52 -46.98 49.35
CA ILE D 57 -8.25 -45.76 49.06
C ILE D 57 -7.31 -44.59 49.16
N LEU D 58 -7.12 -43.86 48.06
CA LEU D 58 -6.14 -42.74 48.08
C LEU D 58 -6.74 -41.45 48.65
N ASP D 59 -8.06 -41.40 48.72
CA ASP D 59 -8.76 -40.19 49.04
C ASP D 59 -10.28 -40.45 49.13
N ALA D 60 -10.95 -39.78 50.05
CA ALA D 60 -12.40 -39.86 50.19
C ALA D 60 -12.96 -38.46 50.43
N VAL D 61 -14.04 -38.11 49.72
CA VAL D 61 -14.69 -36.85 49.82
C VAL D 61 -16.18 -37.07 50.09
N GLU D 62 -16.64 -36.62 51.24
CA GLU D 62 -18.08 -36.69 51.63
C GLU D 62 -18.78 -35.46 51.12
N LEU D 63 -19.80 -35.62 50.31
CA LEU D 63 -20.44 -34.49 49.68
C LEU D 63 -21.49 -33.83 50.57
N VAL D 64 -21.44 -32.51 50.67
CA VAL D 64 -22.47 -31.70 51.35
C VAL D 64 -22.90 -30.63 50.39
N ASP D 65 -24.09 -30.11 50.64
CA ASP D 65 -24.54 -28.99 49.84
C ASP D 65 -24.04 -27.67 50.43
N GLU D 66 -24.51 -26.57 49.84
CA GLU D 66 -24.01 -25.23 50.15
C GLU D 66 -24.47 -24.78 51.54
N GLN D 67 -25.48 -25.43 52.11
CA GLN D 67 -25.89 -25.13 53.46
C GLN D 67 -25.14 -26.04 54.43
N GLY D 68 -24.24 -26.88 53.93
CA GLY D 68 -23.50 -27.85 54.75
C GLY D 68 -24.30 -29.09 55.08
N VAL D 69 -25.38 -29.36 54.34
CA VAL D 69 -26.21 -30.53 54.66
C VAL D 69 -25.70 -31.76 53.89
N ASN D 70 -25.64 -32.86 54.64
CA ASN D 70 -25.28 -34.18 54.13
C ASN D 70 -25.97 -34.54 52.83
N LEU D 71 -25.21 -35.04 51.86
CA LEU D 71 -25.84 -35.60 50.67
C LEU D 71 -25.77 -37.15 50.62
N GLU D 72 -25.15 -37.76 51.61
CA GLU D 72 -25.07 -39.21 51.78
C GLU D 72 -24.24 -39.92 50.72
N LEU D 73 -23.26 -39.21 50.15
CA LEU D 73 -22.41 -39.75 49.08
C LEU D 73 -20.98 -39.47 49.40
N THR D 74 -20.15 -40.50 49.33
CA THR D 74 -18.71 -40.35 49.50
C THR D 74 -17.98 -40.77 48.24
N LEU D 75 -17.18 -39.87 47.71
CA LEU D 75 -16.46 -40.16 46.48
C LEU D 75 -15.06 -40.69 46.84
N ILE D 76 -14.69 -41.85 46.36
CA ILE D 76 -13.39 -42.34 46.66
C ILE D 76 -12.53 -42.49 45.42
N THR D 77 -11.25 -42.19 45.58
CA THR D 77 -10.29 -42.40 44.57
C THR D 77 -9.50 -43.65 44.97
N LEU D 78 -9.41 -44.63 44.07
CA LEU D 78 -8.81 -45.92 44.36
C LEU D 78 -7.45 -46.12 43.71
N ASP D 79 -6.64 -46.95 44.38
CA ASP D 79 -5.35 -47.38 43.83
C ASP D 79 -5.57 -48.66 43.07
N THR D 80 -6.10 -48.54 41.88
CA THR D 80 -6.34 -49.70 41.01
C THR D 80 -5.63 -49.62 39.74
N ASN D 81 -5.44 -50.80 39.15
CA ASN D 81 -4.64 -50.90 37.97
C ASN D 81 -5.47 -50.36 36.84
N GLU D 82 -6.71 -50.82 36.76
CA GLU D 82 -7.69 -50.40 35.71
C GLU D 82 -8.42 -49.05 35.91
N LYS D 83 -8.68 -48.33 34.83
CA LYS D 83 -9.60 -47.19 34.83
C LYS D 83 -11.02 -47.77 34.69
N PHE D 84 -11.98 -47.22 35.38
CA PHE D 84 -13.38 -47.59 35.13
C PHE D 84 -13.77 -47.06 33.76
N ARG D 85 -14.60 -47.82 33.07
CA ARG D 85 -15.34 -47.27 31.98
C ARG D 85 -16.06 -45.97 32.40
N ASP D 86 -15.84 -44.89 31.66
CA ASP D 86 -16.40 -43.59 32.02
C ASP D 86 -17.88 -43.57 31.70
N ILE D 87 -18.72 -43.53 32.72
CA ILE D 87 -20.19 -43.51 32.53
C ILE D 87 -20.81 -42.14 32.91
N THR D 88 -19.96 -41.10 33.05
CA THR D 88 -20.49 -39.79 33.44
C THR D 88 -21.55 -39.27 32.45
N LYS D 89 -21.45 -39.65 31.18
CA LYS D 89 -22.39 -39.17 30.20
C LYS D 89 -23.81 -39.76 30.44
N PHE D 90 -23.92 -40.87 31.16
CA PHE D 90 -25.25 -41.43 31.48
C PHE D 90 -25.86 -40.84 32.74
N ILE D 91 -25.05 -40.07 33.45
CA ILE D 91 -25.53 -39.41 34.64
C ILE D 91 -26.05 -38.03 34.22
N PRO D 92 -27.30 -37.73 34.57
CA PRO D 92 -27.86 -36.48 34.11
C PRO D 92 -27.21 -35.30 34.81
N GLU D 93 -27.30 -34.16 34.13
CA GLU D 93 -26.70 -32.91 34.61
C GLU D 93 -27.40 -32.36 35.87
N ASN D 94 -28.67 -32.67 36.04
CA ASN D 94 -29.35 -32.30 37.24
C ASN D 94 -30.09 -33.49 37.73
N ILE D 95 -30.41 -33.44 39.01
CA ILE D 95 -31.12 -34.52 39.63
C ILE D 95 -32.47 -34.76 38.94
N SER D 96 -32.58 -35.95 38.32
CA SER D 96 -33.68 -36.27 37.46
C SER D 96 -34.54 -37.41 37.94
N THR D 97 -35.86 -37.19 37.82
CA THR D 97 -36.86 -38.20 38.09
C THR D 97 -36.84 -39.22 36.97
N ALA D 98 -37.63 -40.27 37.09
CA ALA D 98 -37.71 -41.29 36.03
C ALA D 98 -38.94 -42.14 36.21
N SER D 99 -39.34 -42.80 35.14
CA SER D 99 -40.46 -43.69 35.20
C SER D 99 -39.94 -45.08 35.18
N ASP D 100 -40.52 -45.97 35.98
CA ASP D 100 -40.21 -47.38 35.88
C ASP D 100 -38.71 -47.67 35.91
N ALA D 101 -38.05 -47.11 36.92
CA ALA D 101 -36.66 -47.40 37.20
C ALA D 101 -36.43 -48.79 37.75
N THR D 102 -35.21 -49.25 37.59
CA THR D 102 -34.76 -50.49 38.17
C THR D 102 -33.65 -50.16 39.12
N LEU D 103 -33.67 -50.81 40.28
CA LEU D 103 -32.57 -50.75 41.21
C LEU D 103 -31.64 -51.95 41.02
N VAL D 104 -30.38 -51.66 40.75
CA VAL D 104 -29.39 -52.69 40.47
C VAL D 104 -28.41 -52.80 41.61
N ILE D 105 -28.44 -53.96 42.22
CA ILE D 105 -27.63 -54.24 43.38
C ILE D 105 -26.58 -55.30 43.06
N ASN D 106 -25.39 -55.18 43.69
CA ASN D 106 -24.33 -56.14 43.48
C ASN D 106 -23.38 -56.23 44.66
N THR D 107 -23.66 -57.23 45.45
CA THR D 107 -23.04 -57.46 46.73
C THR D 107 -22.78 -58.96 46.72
N GLU D 108 -21.84 -59.39 47.56
CA GLU D 108 -21.61 -60.80 47.77
C GLU D 108 -22.89 -61.54 48.21
N HIS D 109 -23.68 -60.93 49.06
CA HIS D 109 -24.94 -61.53 49.48
C HIS D 109 -26.08 -61.35 48.49
N MET D 110 -26.06 -60.28 47.71
CA MET D 110 -27.09 -60.00 46.73
C MET D 110 -26.44 -59.71 45.35
N PRO D 111 -25.98 -60.75 44.67
CA PRO D 111 -25.25 -60.51 43.44
C PRO D 111 -26.16 -60.36 42.25
N SER D 112 -25.77 -59.45 41.36
CA SER D 112 -26.54 -59.07 40.17
C SER D 112 -28.06 -59.08 40.37
N MET D 113 -28.48 -58.29 41.33
CA MET D 113 -29.85 -58.32 41.77
C MET D 113 -30.65 -57.18 41.22
N PHE D 114 -31.84 -57.50 40.71
CA PHE D 114 -32.69 -56.51 40.02
C PHE D 114 -33.99 -56.25 40.78
N VAL D 115 -34.24 -55.00 41.12
CA VAL D 115 -35.41 -54.65 41.92
C VAL D 115 -36.27 -53.60 41.22
N PRO D 116 -37.55 -53.91 41.01
CA PRO D 116 -38.41 -53.07 40.21
C PRO D 116 -39.00 -51.92 41.02
N VAL D 117 -38.23 -50.86 41.22
CA VAL D 117 -38.65 -49.90 42.23
C VAL D 117 -39.75 -48.99 41.66
N GLY D 118 -39.86 -48.92 40.35
CA GLY D 118 -40.90 -48.15 39.72
C GLY D 118 -40.48 -46.69 39.56
N ASP D 119 -41.47 -45.81 39.58
CA ASP D 119 -41.29 -44.43 39.35
C ASP D 119 -40.48 -43.84 40.47
N VAL D 120 -39.63 -42.92 40.10
CA VAL D 120 -38.72 -42.29 41.03
C VAL D 120 -39.12 -40.82 41.02
N VAL D 121 -39.51 -40.30 42.17
CA VAL D 121 -39.93 -38.89 42.29
C VAL D 121 -39.00 -38.05 43.18
N GLN D 122 -39.10 -36.72 43.05
CA GLN D 122 -38.31 -35.77 43.89
C GLN D 122 -38.80 -35.88 45.30
N TYR D 123 -37.89 -35.82 46.25
CA TYR D 123 -38.32 -35.96 47.62
C TYR D 123 -37.68 -34.82 48.42
N GLY D 124 -36.36 -34.72 48.36
CA GLY D 124 -35.63 -33.58 48.97
C GLY D 124 -35.07 -34.04 50.33
N PHE D 125 -35.63 -33.47 51.38
CA PHE D 125 -35.13 -33.70 52.71
C PHE D 125 -35.50 -35.04 53.24
N LEU D 126 -34.54 -35.70 53.87
CA LEU D 126 -34.80 -36.95 54.52
C LEU D 126 -33.98 -37.03 55.79
N ASN D 127 -34.62 -37.40 56.89
CA ASN D 127 -33.90 -37.66 58.11
C ASN D 127 -33.51 -39.11 58.15
N LEU D 128 -32.23 -39.36 57.86
CA LEU D 128 -31.75 -40.71 57.68
C LEU D 128 -30.98 -41.24 58.93
N SER D 129 -31.67 -41.96 59.83
CA SER D 129 -31.09 -42.41 61.12
C SER D 129 -30.47 -41.27 61.86
N GLY D 130 -31.27 -40.24 62.07
CA GLY D 130 -30.83 -39.07 62.78
C GLY D 130 -30.00 -38.10 61.97
N LYS D 131 -29.66 -38.43 60.74
CA LYS D 131 -28.79 -37.58 59.91
C LYS D 131 -29.61 -36.84 58.80
N PRO D 132 -29.67 -35.52 58.86
CA PRO D 132 -30.38 -34.77 57.87
C PRO D 132 -29.69 -34.90 56.57
N THR D 133 -30.45 -35.05 55.51
CA THR D 133 -29.89 -35.38 54.20
C THR D 133 -30.71 -34.66 53.17
N HIS D 134 -30.07 -34.13 52.13
CA HIS D 134 -30.80 -33.45 51.07
C HIS D 134 -30.61 -34.13 49.72
N ARG D 135 -31.39 -33.65 48.76
CA ARG D 135 -31.30 -34.06 47.36
C ARG D 135 -31.62 -35.53 47.11
N THR D 136 -32.58 -36.04 47.88
CA THR D 136 -32.95 -37.41 47.78
C THR D 136 -34.13 -37.54 46.84
N MET D 137 -34.32 -38.76 46.37
CA MET D 137 -35.50 -39.13 45.62
C MET D 137 -36.15 -40.37 46.27
N MET D 138 -37.37 -40.68 45.83
CA MET D 138 -38.17 -41.67 46.50
C MET D 138 -38.84 -42.61 45.48
N TYR D 139 -38.94 -43.87 45.88
CA TYR D 139 -39.68 -44.84 45.11
C TYR D 139 -40.59 -45.57 46.09
N ASN D 140 -41.80 -45.85 45.65
CA ASN D 140 -42.74 -46.64 46.46
C ASN D 140 -42.45 -48.12 46.34
N PHE D 141 -41.38 -48.55 47.01
CA PHE D 141 -40.97 -49.92 46.99
C PHE D 141 -40.31 -50.24 48.30
N PRO D 142 -40.64 -51.40 48.89
CA PRO D 142 -40.09 -51.70 50.23
C PRO D 142 -38.66 -52.29 50.19
N THR D 143 -37.70 -51.42 49.87
CA THR D 143 -36.32 -51.83 49.82
C THR D 143 -35.94 -52.26 51.21
N LYS D 144 -34.81 -52.99 51.34
CA LYS D 144 -34.40 -53.58 52.64
C LYS D 144 -32.87 -53.47 52.85
N ALA D 145 -32.43 -53.93 54.00
CA ALA D 145 -31.04 -53.83 54.39
C ALA D 145 -30.23 -54.60 53.41
N GLY D 146 -29.00 -54.16 53.22
CA GLY D 146 -28.11 -54.83 52.29
C GLY D 146 -28.19 -54.25 50.87
N GLN D 147 -29.12 -53.35 50.63
CA GLN D 147 -29.26 -52.81 49.30
C GLN D 147 -28.67 -51.44 49.12
N CYS D 148 -28.04 -50.90 50.16
CA CYS D 148 -27.47 -49.57 50.03
C CYS D 148 -26.29 -49.58 49.05
N GLY D 149 -26.24 -48.52 48.26
CA GLY D 149 -25.24 -48.37 47.20
C GLY D 149 -25.75 -48.84 45.86
N GLY D 150 -26.88 -49.51 45.89
CA GLY D 150 -27.53 -49.93 44.68
C GLY D 150 -27.79 -48.80 43.73
N VAL D 151 -27.73 -49.11 42.45
CA VAL D 151 -27.75 -48.08 41.41
C VAL D 151 -29.12 -47.99 40.80
N VAL D 152 -29.73 -46.82 40.92
CA VAL D 152 -31.02 -46.54 40.36
C VAL D 152 -30.86 -46.14 38.89
N THR D 153 -31.49 -46.89 37.99
CA THR D 153 -31.27 -46.75 36.54
C THR D 153 -32.55 -46.83 35.74
N SER D 154 -32.56 -46.12 34.62
CA SER D 154 -33.76 -46.10 33.76
C SER D 154 -33.45 -45.58 32.40
N VAL D 155 -33.74 -46.39 31.38
CA VAL D 155 -33.49 -46.05 29.98
C VAL D 155 -32.06 -45.53 29.70
N GLY D 156 -31.00 -46.16 30.16
CA GLY D 156 -29.64 -45.66 29.87
C GLY D 156 -29.22 -44.46 30.69
N LYS D 157 -29.93 -44.16 31.75
CA LYS D 157 -29.55 -43.11 32.63
C LYS D 157 -29.24 -43.66 34.04
N VAL D 158 -28.24 -43.08 34.71
CA VAL D 158 -27.81 -43.50 36.04
C VAL D 158 -28.12 -42.33 36.99
N ILE D 159 -29.18 -42.46 37.77
CA ILE D 159 -29.77 -41.31 38.48
C ILE D 159 -29.67 -41.27 40.02
N GLY D 160 -29.33 -42.40 40.62
CA GLY D 160 -29.34 -42.46 42.04
C GLY D 160 -28.54 -43.59 42.62
N ILE D 161 -28.22 -43.41 43.90
CA ILE D 161 -27.55 -44.41 44.72
C ILE D 161 -28.43 -44.70 45.94
N HIS D 162 -28.86 -45.94 46.13
CA HIS D 162 -29.76 -46.27 47.23
C HIS D 162 -29.13 -46.07 48.59
N ILE D 163 -29.87 -45.38 49.48
CA ILE D 163 -29.38 -45.03 50.82
C ILE D 163 -30.29 -45.35 52.01
N GLY D 164 -31.58 -45.64 51.80
CA GLY D 164 -32.43 -45.99 52.92
C GLY D 164 -33.88 -46.28 52.52
N GLY D 165 -34.70 -46.54 53.53
CA GLY D 165 -36.10 -46.95 53.32
C GLY D 165 -36.81 -47.09 54.63
N ASN D 166 -38.13 -46.97 54.62
CA ASN D 166 -38.90 -46.96 55.86
C ASN D 166 -39.81 -48.16 55.92
N GLY D 167 -39.57 -49.12 55.03
CA GLY D 167 -40.29 -50.40 55.05
C GLY D 167 -41.40 -50.42 54.06
N ARG D 168 -41.80 -49.26 53.54
CA ARG D 168 -42.77 -49.18 52.43
C ARG D 168 -42.24 -48.40 51.22
N GLN D 169 -41.27 -47.54 51.49
CA GLN D 169 -40.67 -46.74 50.48
C GLN D 169 -39.14 -46.88 50.57
N GLY D 170 -38.50 -46.55 49.45
CA GLY D 170 -37.06 -46.54 49.33
C GLY D 170 -36.61 -45.16 48.90
N PHE D 171 -35.41 -44.80 49.31
CA PHE D 171 -34.84 -43.47 49.03
C PHE D 171 -33.44 -43.61 48.48
N CYS D 172 -33.12 -42.78 47.48
CA CYS D 172 -31.77 -42.70 46.98
C CYS D 172 -31.18 -41.31 47.08
N ALA D 173 -29.86 -41.21 47.16
CA ALA D 173 -29.21 -39.95 46.89
C ALA D 173 -29.21 -39.72 45.38
N GLY D 174 -29.62 -38.53 44.96
CA GLY D 174 -29.65 -38.17 43.56
C GLY D 174 -28.25 -37.96 43.04
N LEU D 175 -28.04 -38.34 41.78
CA LEU D 175 -26.75 -38.14 41.14
C LEU D 175 -26.86 -37.00 40.17
N LYS D 176 -25.81 -36.21 40.08
CA LYS D 176 -25.65 -35.32 38.99
C LYS D 176 -24.22 -35.34 38.50
N ARG D 177 -24.08 -35.06 37.23
CA ARG D 177 -22.83 -35.22 36.53
C ARG D 177 -21.73 -34.37 37.10
N SER D 178 -22.04 -33.15 37.54
CA SER D 178 -21.00 -32.25 38.10
C SER D 178 -20.32 -32.83 39.33
N TYR D 179 -20.97 -33.75 40.06
CA TYR D 179 -20.29 -34.43 41.18
C TYR D 179 -19.00 -35.15 40.77
N PHE D 180 -18.98 -35.65 39.53
CA PHE D 180 -17.85 -36.45 39.07
C PHE D 180 -16.96 -35.71 38.06
N ALA D 181 -17.19 -34.40 37.90
CA ALA D 181 -16.22 -33.58 37.20
C ALA D 181 -14.96 -33.46 38.05
O1 5E8 E . 15.29 40.81 -36.37
O2 5E8 E . 22.54 39.40 -32.20
C3 5E8 E . 21.29 44.17 -31.81
C5 5E8 E . 22.32 45.31 -29.78
C7 5E8 E . 22.66 47.71 -29.67
C8 5E8 E . 22.10 47.82 -30.96
C12 5E8 E . 16.70 41.11 -34.41
C9 5E8 E . 21.65 46.67 -31.66
C13 5E8 E . 15.48 40.70 -35.19
C14 5E8 E . 20.50 40.79 -35.19
C15 5E8 E . 21.68 40.63 -34.23
C16 5E8 E . 21.60 39.40 -33.32
C17 5E8 E . 19.58 42.69 -32.57
C18 5E8 E . 22.44 38.53 -31.06
O3 5E8 E . 20.83 38.42 -33.51
C19 5E8 E . 21.03 38.51 -30.46
C10 5E8 E . 19.21 41.07 -34.38
C11 5E8 E . 17.97 41.02 -35.24
C26 5E8 E . 16.67 40.16 -33.25
C25 5E8 E . 15.18 39.92 -33.02
N1 5E8 E . 14.65 40.18 -34.34
N 5E8 E . 19.37 42.45 -33.90
O4 5E8 E . 19.65 41.80 -31.75
C2 5E8 E . 19.81 44.12 -32.17
C1 5E8 E . 18.84 44.46 -31.07
C4 5E8 E . 21.75 45.42 -31.07
C6 5E8 E . 22.78 46.45 -29.08
O1 5E8 F . -0.19 12.48 -6.22
O2 5E8 F . 6.86 10.75 -2.23
C3 5E8 F . 5.89 15.25 -1.57
C5 5E8 F . 7.03 16.74 0.13
C7 5E8 F . 7.55 19.09 -0.31
C8 5E8 F . 7.01 18.96 -1.60
C12 5E8 F . 1.21 12.42 -4.35
C9 5E8 F . 6.49 17.72 -2.04
C13 5E8 F . -0.05 12.17 -5.06
C14 5E8 F . 4.93 11.83 -5.31
C15 5E8 F . 6.18 11.64 -4.46
C16 5E8 F . 6.09 10.55 -3.43
C17 5E8 F . 4.29 13.91 -2.77
C18 5E8 F . 7.34 9.63 -1.53
O3 5E8 F . 5.40 9.52 -3.50
C19 5E8 F . 6.16 8.92 -0.89
C10 5E8 F . 3.73 12.24 -4.45
C11 5E8 F . 2.41 12.09 -5.20
C26 5E8 F . 1.04 11.56 -3.11
C25 5E8 F . -0.49 11.32 -2.93
N1 5E8 F . -0.94 11.58 -4.27
N 5E8 F . 3.99 13.62 -4.04
O4 5E8 F . 4.39 13.04 -1.95
C2 5E8 F . 4.58 15.34 -2.35
C1 5E8 F . 3.45 16.01 -1.57
C4 5E8 F . 6.47 16.60 -1.17
C6 5E8 F . 7.56 17.98 0.55
O1 5E8 G . -16.64 -17.92 23.31
O2 5E8 G . -9.59 -19.38 27.42
C3 5E8 G . -10.47 -14.94 27.94
C5 5E8 G . -9.29 -13.45 29.56
C7 5E8 G . -8.86 -11.11 29.13
C8 5E8 G . -9.45 -11.23 27.87
C12 5E8 G . -15.17 -17.82 25.21
C9 5E8 G . -9.99 -12.47 27.46
C13 5E8 G . -16.41 -18.22 24.47
C14 5E8 G . -11.37 -18.33 24.36
C15 5E8 G . -10.10 -18.50 25.16
C16 5E8 G . -10.21 -19.66 26.14
C17 5E8 G . -12.10 -16.36 26.92
C18 5E8 G . -9.41 -20.51 28.25
O3 5E8 G . -10.79 -20.77 25.93
C19 5E8 G . -10.78 -20.87 28.85
C10 5E8 G . -12.62 -17.99 25.21
C11 5E8 G . -13.91 -18.01 24.38
C26 5E8 G . -15.28 -18.59 26.52
C25 5E8 G . -16.80 -18.80 26.69
N1 5E8 G . -17.21 -18.83 25.30
N 5E8 G . -12.40 -16.62 25.67
O4 5E8 G . -11.97 -17.28 27.71
C2 5E8 G . -11.83 -14.90 27.26
C1 5E8 G . -12.96 -14.24 28.05
C4 5E8 G . -9.90 -13.58 28.31
C6 5E8 G . -8.78 -12.22 29.98
O1 5E8 H . -33.94 -49.87 52.08
O2 5E8 H . -26.98 -51.26 56.47
C3 5E8 H . -28.10 -46.42 56.89
C5 5E8 H . -27.08 -45.13 58.86
C7 5E8 H . -26.63 -42.74 58.80
C8 5E8 H . -27.16 -42.69 57.50
C12 5E8 H . -32.72 -49.47 54.17
C9 5E8 H . -27.64 -43.87 56.87
C13 5E8 H . -33.87 -49.92 53.31
C14 5E8 H . -28.88 -49.79 53.42
C15 5E8 H . -27.65 -49.95 54.33
C16 5E8 H . -27.57 -51.23 55.15
C17 5E8 H . -29.80 -47.91 56.09
C18 5E8 H . -27.58 -52.14 57.45
O3 5E8 H . -28.00 -52.29 54.74
C19 5E8 H . -29.12 -52.04 57.55
C10 5E8 H . -30.14 -49.53 54.30
C11 5E8 H . -31.41 -49.67 53.46
C26 5E8 H . -32.85 -50.36 55.39
C25 5E8 H . -34.35 -50.64 55.51
N1 5E8 H . -34.79 -50.46 54.12
N 5E8 H . -30.00 -48.14 54.78
O4 5E8 H . -29.75 -48.79 56.95
C2 5E8 H . -29.59 -46.49 56.50
C1 5E8 H . -30.57 -46.09 57.59
C4 5E8 H . -27.62 -45.11 57.53
C6 5E8 H . -26.60 -43.97 59.48
#